data_6EWA
#
_entry.id   6EWA
#
_cell.length_a   116.150
_cell.length_b   116.150
_cell.length_c   192.820
_cell.angle_alpha   90.000
_cell.angle_beta   90.000
_cell.angle_gamma   120.000
#
_symmetry.space_group_name_H-M   'P 32 2 1'
#
loop_
_entity.id
_entity.type
_entity.pdbx_description
1 polymer 'HLA class I histocompatibility antigen, A-2 alpha chain'
2 polymer Beta-2-microglobulin
3 polymer Polyprotein
4 polymer LIR-1
5 water water
#
loop_
_entity_poly.entity_id
_entity_poly.type
_entity_poly.pdbx_seq_one_letter_code
_entity_poly.pdbx_strand_id
1 'polypeptide(L)'
;GSHSMRYFFTSVSRPGRGEPRFIAVGYVDDTQFVRFDSDAASQRMEPRAPWIEQEGPEYWDGETRKVKAHSQTHRVDLGT
LRGYYNQSEAGSHTVQRMYGCDVGSDWRFLRGYHQYAYDGKDYIALKEDLRSWTAADMAAQTTKHKWEAAHVAEQLRAYL
EGTCVEWLRRYLENGKETLQRTDAPKTHMTHHAVSDHEATLRCWALSFYPAEITLTWQRDGEDQTQDTELVETRPAGDGT
FQKWAAVVVPSGQEQRYTCHVQHEGLPKPLTLRWEP
;
A,E
2 'polypeptide(L)'
;IQRTPKIQVYSRHPAENGKSNFLNCYVSGFHPSDIEVDLLKNGERIEKVEHSDLSFSKDWSFYLLYYTEFTPTEKDEYAC
RVNHVTLSQPKIVKWDRDM
;
B,F
3 'polypeptide(L)' ILKEPVHGV C,G
4 'polypeptide(L)'
;PKPTLWAEPGSVITQGSPVTLRCQGGQETQEYRLYREKKTAPWITRIPQELVKKGQFPIPSITWEHAGRYRCYYGSDTAG
RSESSDPLELVVTGAYIKPTLSAQPSPVVNSGGNVTLQCDSQVAFDGFILCKEGEDEHPQCLNSQPHARGSSRAIFSVGP
VSPSRRWWYRCYAYDSNSPYEWSLPSDLLELLVLG
;
D,H
#
# COMPACT_ATOMS: atom_id res chain seq x y z
N GLY A 1 14.19 16.48 -44.72
CA GLY A 1 12.97 16.65 -45.58
C GLY A 1 11.79 17.28 -44.87
N SER A 2 10.63 17.14 -45.49
CA SER A 2 9.40 17.74 -44.99
C SER A 2 8.82 16.90 -43.84
N HIS A 3 8.23 17.57 -42.86
CA HIS A 3 7.53 16.90 -41.76
C HIS A 3 6.10 17.39 -41.64
N SER A 4 5.31 16.69 -40.84
CA SER A 4 3.92 17.07 -40.62
C SER A 4 3.38 16.60 -39.27
N MET A 5 2.40 17.35 -38.74
CA MET A 5 1.57 16.90 -37.61
C MET A 5 0.14 16.83 -38.09
N ARG A 6 -0.58 15.80 -37.69
CA ARG A 6 -1.98 15.65 -38.08
C ARG A 6 -2.77 15.04 -36.94
N TYR A 7 -3.98 15.54 -36.74
CA TYR A 7 -4.91 14.99 -35.77
C TYR A 7 -6.15 14.45 -36.48
N PHE A 8 -6.65 13.32 -36.01
CA PHE A 8 -7.75 12.60 -36.62
C PHE A 8 -8.78 12.34 -35.55
N PHE A 9 -10.04 12.63 -35.83
CA PHE A 9 -11.12 12.48 -34.87
C PHE A 9 -12.26 11.74 -35.52
N THR A 10 -12.82 10.78 -34.79
CA THR A 10 -13.93 9.97 -35.27
C THR A 10 -14.91 9.85 -34.12
N SER A 11 -16.16 10.23 -34.38
CA SER A 11 -17.26 10.01 -33.46
C SER A 11 -18.34 9.23 -34.19
N VAL A 12 -18.83 8.17 -33.55
CA VAL A 12 -19.85 7.31 -34.12
C VAL A 12 -21.02 7.14 -33.13
N SER A 13 -22.26 7.34 -33.63
CA SER A 13 -23.47 7.32 -32.80
C SER A 13 -23.87 5.89 -32.51
N ARG A 14 -24.61 5.70 -31.41
CA ARG A 14 -24.97 4.37 -30.92
C ARG A 14 -26.42 4.39 -30.42
N PRO A 15 -27.39 4.36 -31.36
CA PRO A 15 -28.82 4.36 -31.04
C PRO A 15 -29.17 3.35 -29.96
N GLY A 16 -29.69 3.85 -28.83
CA GLY A 16 -30.09 3.01 -27.70
C GLY A 16 -29.02 2.89 -26.63
N ARG A 17 -27.86 2.36 -27.01
CA ARG A 17 -26.75 2.09 -26.07
C ARG A 17 -25.89 3.33 -25.75
N GLY A 18 -26.52 4.45 -25.38
CA GLY A 18 -25.81 5.58 -24.79
C GLY A 18 -25.01 6.45 -25.74
N GLU A 19 -24.13 7.26 -25.17
CA GLU A 19 -23.38 8.29 -25.89
C GLU A 19 -22.52 7.79 -27.07
N PRO A 20 -22.23 8.67 -28.04
CA PRO A 20 -21.32 8.32 -29.14
C PRO A 20 -19.89 7.95 -28.71
N ARG A 21 -19.31 6.98 -29.43
CA ARG A 21 -17.92 6.55 -29.24
C ARG A 21 -17.00 7.57 -29.90
N PHE A 22 -16.23 8.30 -29.08
CA PHE A 22 -15.27 9.28 -29.61
C PHE A 22 -13.82 8.81 -29.48
N ILE A 23 -13.11 8.73 -30.63
CA ILE A 23 -11.69 8.39 -30.69
C ILE A 23 -10.89 9.48 -31.39
N ALA A 24 -9.83 9.94 -30.73
CA ALA A 24 -8.91 10.93 -31.27
C ALA A 24 -7.50 10.36 -31.27
N VAL A 25 -6.71 10.76 -32.26
CA VAL A 25 -5.37 10.25 -32.39
C VAL A 25 -4.51 11.30 -33.09
N GLY A 26 -3.30 11.51 -32.57
CA GLY A 26 -2.36 12.48 -33.13
C GLY A 26 -1.10 11.80 -33.67
N TYR A 27 -0.59 12.33 -34.78
CA TYR A 27 0.54 11.79 -35.50
C TYR A 27 1.56 12.86 -35.80
N VAL A 28 2.84 12.52 -35.64
CA VAL A 28 3.91 13.27 -36.29
C VAL A 28 4.47 12.38 -37.39
N ASP A 29 4.36 12.84 -38.63
CA ASP A 29 4.66 12.02 -39.80
C ASP A 29 3.92 10.66 -39.65
N ASP A 30 4.62 9.52 -39.67
CA ASP A 30 3.97 8.21 -39.62
C ASP A 30 3.96 7.58 -38.23
N THR A 31 4.24 8.38 -37.20
CA THR A 31 4.35 7.90 -35.82
C THR A 31 3.21 8.45 -34.92
N GLN A 32 2.40 7.55 -34.37
CA GLN A 32 1.35 7.93 -33.44
C GLN A 32 1.99 8.40 -32.12
N PHE A 33 1.49 9.51 -31.56
CA PHE A 33 2.00 10.01 -30.26
C PHE A 33 0.97 10.26 -29.16
N VAL A 34 -0.30 10.50 -29.51
CA VAL A 34 -1.39 10.60 -28.53
C VAL A 34 -2.65 9.86 -28.95
N ARG A 35 -3.51 9.59 -27.97
CA ARG A 35 -4.80 9.00 -28.22
C ARG A 35 -5.83 9.35 -27.16
N PHE A 36 -7.10 9.26 -27.55
CA PHE A 36 -8.21 9.37 -26.62
C PHE A 36 -9.29 8.43 -27.11
N ASP A 37 -9.84 7.65 -26.17
CA ASP A 37 -10.95 6.77 -26.43
C ASP A 37 -11.96 7.06 -25.34
N SER A 38 -13.13 7.55 -25.73
CA SER A 38 -14.19 7.90 -24.79
C SER A 38 -14.73 6.69 -24.02
N ASP A 39 -14.47 5.48 -24.52
CA ASP A 39 -14.84 4.23 -23.85
C ASP A 39 -13.78 3.64 -22.91
N ALA A 40 -12.54 4.14 -22.97
CA ALA A 40 -11.50 3.71 -22.02
C ALA A 40 -11.80 4.20 -20.59
N ALA A 41 -11.23 3.50 -19.62
CA ALA A 41 -11.47 3.80 -18.20
C ALA A 41 -10.65 4.98 -17.67
N SER A 42 -9.58 5.35 -18.37
CA SER A 42 -8.73 6.48 -17.96
C SER A 42 -9.40 7.83 -18.11
N GLN A 43 -10.19 8.02 -19.17
CA GLN A 43 -10.85 9.29 -19.48
C GLN A 43 -9.84 10.44 -19.52
N ARG A 44 -8.79 10.21 -20.28
CA ARG A 44 -7.62 11.07 -20.32
C ARG A 44 -7.02 10.96 -21.72
N MET A 45 -6.34 12.02 -22.17
CA MET A 45 -5.48 11.92 -23.36
C MET A 45 -4.24 11.14 -22.95
N GLU A 46 -3.94 10.08 -23.70
CA GLU A 46 -2.85 9.16 -23.35
C GLU A 46 -1.64 9.30 -24.28
N PRO A 47 -0.41 9.17 -23.73
CA PRO A 47 0.80 9.13 -24.56
C PRO A 47 0.90 7.82 -25.34
N ARG A 48 1.51 7.87 -26.53
CA ARG A 48 1.77 6.67 -27.32
C ARG A 48 3.15 6.71 -28.01
N ALA A 49 4.06 7.48 -27.42
CA ALA A 49 5.45 7.49 -27.84
C ALA A 49 6.26 7.85 -26.60
N PRO A 50 7.44 7.23 -26.40
CA PRO A 50 8.29 7.60 -25.25
C PRO A 50 8.65 9.10 -25.18
N TRP A 51 8.80 9.75 -26.34
CA TRP A 51 9.19 11.16 -26.42
C TRP A 51 8.13 12.18 -26.01
N ILE A 52 6.86 11.83 -26.10
CA ILE A 52 5.80 12.68 -25.57
C ILE A 52 5.57 12.39 -24.08
N GLU A 53 6.02 11.22 -23.63
CA GLU A 53 5.84 10.77 -22.24
C GLU A 53 6.55 11.70 -21.24
N GLN A 54 7.63 12.34 -21.70
CA GLN A 54 8.37 13.32 -20.92
C GLN A 54 7.63 14.63 -20.64
N GLU A 55 6.52 14.91 -21.34
CA GLU A 55 5.71 16.09 -21.04
C GLU A 55 5.13 15.94 -19.63
N GLY A 56 5.07 17.07 -18.90
CA GLY A 56 4.59 17.08 -17.53
C GLY A 56 3.06 17.11 -17.43
N PRO A 57 2.52 16.99 -16.19
CA PRO A 57 1.06 16.92 -15.98
C PRO A 57 0.22 18.09 -16.58
N GLU A 58 0.83 19.27 -16.68
CA GLU A 58 0.23 20.44 -17.39
C GLU A 58 -0.26 20.04 -18.79
N TYR A 59 0.61 19.38 -19.53
CA TYR A 59 0.32 18.88 -20.86
C TYR A 59 -0.86 17.90 -20.86
N TRP A 60 -0.83 16.92 -19.97
CA TRP A 60 -1.86 15.87 -19.92
C TRP A 60 -3.21 16.41 -19.42
N ASP A 61 -3.19 17.22 -18.38
CA ASP A 61 -4.40 17.92 -17.93
C ASP A 61 -5.01 18.80 -19.05
N GLY A 62 -4.20 19.63 -19.69
CA GLY A 62 -4.67 20.57 -20.70
C GLY A 62 -5.20 19.87 -21.94
N GLU A 63 -4.40 18.96 -22.48
CA GLU A 63 -4.79 18.21 -23.68
C GLU A 63 -6.09 17.46 -23.44
N THR A 64 -6.24 16.90 -22.25
CA THR A 64 -7.44 16.15 -21.90
C THR A 64 -8.69 17.04 -21.96
N ARG A 65 -8.54 18.28 -21.49
CA ARG A 65 -9.65 19.22 -21.49
C ARG A 65 -10.08 19.57 -22.92
N LYS A 66 -9.11 19.77 -23.80
CA LYS A 66 -9.36 20.12 -25.20
C LYS A 66 -9.94 18.95 -26.01
N VAL A 67 -9.46 17.74 -25.77
CA VAL A 67 -10.01 16.56 -26.44
C VAL A 67 -11.42 16.22 -25.93
N LYS A 68 -11.70 16.50 -24.64
CA LYS A 68 -13.07 16.41 -24.10
C LYS A 68 -14.00 17.43 -24.78
N ALA A 69 -13.48 18.64 -25.01
CA ALA A 69 -14.24 19.66 -25.74
C ALA A 69 -14.46 19.27 -27.21
N HIS A 70 -13.44 18.70 -27.84
CA HIS A 70 -13.58 18.10 -29.16
C HIS A 70 -14.63 17.00 -29.18
N SER A 71 -14.61 16.15 -28.17
CA SER A 71 -15.61 15.09 -28.02
C SER A 71 -17.05 15.62 -27.99
N GLN A 72 -17.25 16.67 -27.20
CA GLN A 72 -18.58 17.22 -26.96
C GLN A 72 -19.16 17.88 -28.21
N THR A 73 -18.35 18.68 -28.90
CA THR A 73 -18.79 19.36 -30.10
C THR A 73 -19.16 18.36 -31.20
N HIS A 74 -18.38 17.27 -31.30
CA HIS A 74 -18.65 16.21 -32.28
C HIS A 74 -19.89 15.39 -31.93
N ARG A 75 -20.14 15.23 -30.63
CA ARG A 75 -21.37 14.60 -30.14
C ARG A 75 -22.63 15.34 -30.59
N VAL A 76 -22.59 16.66 -30.44
CA VAL A 76 -23.66 17.54 -30.89
C VAL A 76 -23.76 17.54 -32.43
N ASP A 77 -22.60 17.63 -33.09
CA ASP A 77 -22.51 17.51 -34.56
C ASP A 77 -23.29 16.32 -35.10
N LEU A 78 -23.14 15.16 -34.47
CA LEU A 78 -23.93 13.98 -34.87
C LEU A 78 -25.42 14.28 -34.92
N GLY A 79 -25.97 14.86 -33.85
CA GLY A 79 -27.38 15.27 -33.80
C GLY A 79 -27.73 16.28 -34.88
N THR A 80 -26.91 17.33 -34.98
CA THR A 80 -27.04 18.35 -36.01
C THR A 80 -27.13 17.74 -37.41
N LEU A 81 -26.16 16.91 -37.78
CA LEU A 81 -26.12 16.33 -39.11
C LEU A 81 -27.33 15.42 -39.42
N ARG A 82 -27.78 14.65 -38.43
CA ARG A 82 -28.96 13.78 -38.59
C ARG A 82 -30.21 14.60 -38.88
N GLY A 83 -30.25 15.83 -38.37
CA GLY A 83 -31.27 16.78 -38.73
C GLY A 83 -31.09 17.29 -40.14
N TYR A 84 -29.90 17.79 -40.45
CA TYR A 84 -29.63 18.43 -41.74
C TYR A 84 -30.02 17.57 -42.94
N TYR A 85 -29.75 16.27 -42.89
CA TYR A 85 -30.12 15.33 -43.96
C TYR A 85 -31.43 14.57 -43.64
N ASN A 86 -32.24 15.14 -42.74
CA ASN A 86 -33.43 14.54 -42.13
C ASN A 86 -33.51 13.00 -42.16
N GLN A 87 -32.52 12.39 -41.52
CA GLN A 87 -32.44 10.93 -41.41
C GLN A 87 -33.19 10.48 -40.17
N SER A 88 -33.51 9.20 -40.10
CA SER A 88 -34.24 8.63 -38.98
C SER A 88 -33.35 8.49 -37.75
N GLU A 89 -33.95 8.01 -36.66
CA GLU A 89 -33.24 7.77 -35.39
C GLU A 89 -32.50 6.45 -35.39
N ALA A 90 -33.01 5.48 -36.12
CA ALA A 90 -32.31 4.22 -36.34
C ALA A 90 -31.09 4.44 -37.24
N GLY A 91 -30.15 3.50 -37.15
CA GLY A 91 -28.94 3.56 -37.95
C GLY A 91 -27.87 4.43 -37.28
N SER A 92 -26.66 3.88 -37.25
CA SER A 92 -25.48 4.55 -36.68
C SER A 92 -24.89 5.48 -37.73
N HIS A 93 -24.37 6.62 -37.27
CA HIS A 93 -23.77 7.61 -38.16
C HIS A 93 -22.41 8.03 -37.65
N THR A 94 -21.63 8.65 -38.53
CA THR A 94 -20.22 8.90 -38.30
C THR A 94 -19.86 10.31 -38.72
N VAL A 95 -19.15 11.02 -37.86
CA VAL A 95 -18.51 12.29 -38.20
C VAL A 95 -17.02 12.11 -38.04
N GLN A 96 -16.25 12.66 -38.97
CA GLN A 96 -14.79 12.58 -38.93
C GLN A 96 -14.18 13.96 -39.19
N ARG A 97 -13.02 14.21 -38.58
CA ARG A 97 -12.30 15.48 -38.71
C ARG A 97 -10.80 15.24 -38.74
N MET A 98 -10.12 15.94 -39.63
CA MET A 98 -8.69 15.83 -39.78
C MET A 98 -8.12 17.24 -39.94
N TYR A 99 -7.08 17.56 -39.17
CA TYR A 99 -6.36 18.81 -39.38
C TYR A 99 -4.91 18.73 -38.94
N GLY A 100 -4.09 19.62 -39.50
CA GLY A 100 -2.69 19.72 -39.11
C GLY A 100 -1.79 20.51 -40.06
N CYS A 101 -0.49 20.49 -39.79
CA CYS A 101 0.47 21.37 -40.43
C CYS A 101 1.62 20.60 -41.09
N ASP A 102 2.06 21.11 -42.25
CA ASP A 102 3.24 20.60 -42.95
C ASP A 102 4.33 21.65 -42.85
N VAL A 103 5.55 21.22 -42.51
CA VAL A 103 6.73 22.09 -42.54
C VAL A 103 7.66 21.62 -43.65
N GLY A 104 8.31 22.56 -44.34
CA GLY A 104 9.28 22.24 -45.40
C GLY A 104 10.56 21.64 -44.83
N SER A 105 11.58 21.46 -45.66
CA SER A 105 12.87 20.96 -45.15
C SER A 105 13.54 21.95 -44.18
N ASP A 106 13.35 23.24 -44.44
CA ASP A 106 13.76 24.33 -43.52
C ASP A 106 13.14 24.34 -42.09
N TRP A 107 12.07 23.58 -41.88
CA TRP A 107 11.26 23.55 -40.62
C TRP A 107 10.36 24.76 -40.43
N ARG A 108 10.06 25.46 -41.53
CA ARG A 108 9.13 26.57 -41.52
C ARG A 108 7.82 26.17 -42.20
N PHE A 109 6.70 26.67 -41.67
CA PHE A 109 5.37 26.35 -42.20
C PHE A 109 5.36 26.29 -43.73
N LEU A 110 4.58 25.34 -44.25
CA LEU A 110 4.44 25.10 -45.69
C LEU A 110 2.97 25.02 -46.10
N ARG A 111 2.21 24.16 -45.44
CA ARG A 111 0.79 23.97 -45.74
C ARG A 111 0.01 23.58 -44.48
N GLY A 112 -1.23 24.07 -44.39
CA GLY A 112 -2.16 23.74 -43.31
C GLY A 112 -3.42 23.19 -43.93
N TYR A 113 -4.18 22.41 -43.16
CA TYR A 113 -5.44 21.85 -43.65
C TYR A 113 -6.39 21.54 -42.50
N HIS A 114 -7.68 21.52 -42.80
CA HIS A 114 -8.75 21.20 -41.85
C HIS A 114 -9.93 20.72 -42.64
N GLN A 115 -10.21 19.42 -42.56
CA GLN A 115 -11.31 18.82 -43.32
C GLN A 115 -12.28 18.11 -42.37
N TYR A 116 -13.53 17.96 -42.84
CA TYR A 116 -14.59 17.32 -42.07
C TYR A 116 -15.38 16.41 -43.00
N ALA A 117 -15.83 15.27 -42.49
CA ALA A 117 -16.64 14.32 -43.26
C ALA A 117 -17.83 13.88 -42.45
N TYR A 118 -18.87 13.48 -43.17
CA TYR A 118 -20.04 12.87 -42.58
C TYR A 118 -20.35 11.58 -43.31
N ASP A 119 -20.46 10.50 -42.54
CA ASP A 119 -20.64 9.15 -43.07
C ASP A 119 -19.66 8.87 -44.22
N GLY A 120 -18.39 9.24 -44.02
CA GLY A 120 -17.32 8.91 -44.95
C GLY A 120 -17.21 9.69 -46.25
N LYS A 121 -18.15 10.60 -46.54
CA LYS A 121 -18.05 11.52 -47.71
C LYS A 121 -17.58 12.89 -47.25
N ASP A 122 -16.85 13.59 -48.11
CA ASP A 122 -16.42 14.95 -47.83
C ASP A 122 -17.64 15.80 -47.43
N TYR A 123 -17.44 16.68 -46.46
CA TYR A 123 -18.48 17.56 -45.96
C TYR A 123 -18.04 19.01 -46.16
N ILE A 124 -17.06 19.48 -45.40
CA ILE A 124 -16.51 20.81 -45.61
C ILE A 124 -14.99 20.80 -45.40
N ALA A 125 -14.28 21.55 -46.24
CA ALA A 125 -12.82 21.65 -46.20
C ALA A 125 -12.37 23.09 -46.14
N LEU A 126 -11.35 23.37 -45.33
CA LEU A 126 -10.69 24.66 -45.34
C LEU A 126 -9.79 24.65 -46.58
N LYS A 127 -9.90 25.68 -47.40
CA LYS A 127 -9.11 25.78 -48.62
C LYS A 127 -7.61 25.84 -48.30
N GLU A 128 -6.81 26.21 -49.30
CA GLU A 128 -5.37 26.31 -49.13
C GLU A 128 -4.98 27.62 -48.43
N ASP A 129 -5.48 28.74 -48.95
CA ASP A 129 -5.20 30.05 -48.38
C ASP A 129 -5.50 30.15 -46.87
N LEU A 130 -6.16 29.15 -46.31
CA LEU A 130 -6.62 29.16 -44.91
C LEU A 130 -7.61 30.31 -44.55
N ARG A 131 -8.24 30.91 -45.56
CA ARG A 131 -9.16 32.02 -45.33
C ARG A 131 -10.59 31.79 -45.86
N SER A 132 -10.79 30.71 -46.60
CA SER A 132 -12.09 30.38 -47.19
C SER A 132 -12.35 28.88 -47.15
N TRP A 133 -13.61 28.49 -47.34
CA TRP A 133 -14.04 27.09 -47.20
C TRP A 133 -14.61 26.55 -48.50
N THR A 134 -14.39 25.26 -48.75
CA THR A 134 -15.03 24.56 -49.85
C THR A 134 -16.19 23.78 -49.26
N ALA A 135 -17.37 24.37 -49.39
CA ALA A 135 -18.61 23.78 -48.86
C ALA A 135 -19.26 22.98 -49.97
N ALA A 136 -18.57 21.92 -50.38
CA ALA A 136 -18.97 21.11 -51.54
C ALA A 136 -20.16 20.20 -51.20
N ASP A 137 -21.34 20.81 -51.08
CA ASP A 137 -22.58 20.16 -50.61
C ASP A 137 -23.70 21.21 -50.66
N MET A 138 -24.79 20.94 -49.96
CA MET A 138 -25.85 21.93 -49.73
C MET A 138 -25.87 22.33 -48.26
N ALA A 139 -26.08 21.35 -47.39
CA ALA A 139 -26.06 21.54 -45.93
C ALA A 139 -24.70 21.99 -45.36
N ALA A 140 -23.61 21.68 -46.06
CA ALA A 140 -22.28 22.16 -45.68
C ALA A 140 -22.17 23.69 -45.76
N GLN A 141 -22.93 24.28 -46.66
CA GLN A 141 -22.97 25.74 -46.83
C GLN A 141 -23.63 26.41 -45.60
N THR A 142 -24.61 25.75 -45.00
CA THR A 142 -25.13 26.15 -43.67
C THR A 142 -24.01 26.16 -42.60
N THR A 143 -23.12 25.18 -42.64
CA THR A 143 -21.93 25.16 -41.76
C THR A 143 -20.89 26.24 -42.15
N LYS A 144 -20.74 26.50 -43.45
CA LYS A 144 -19.84 27.57 -43.92
C LYS A 144 -20.24 28.97 -43.42
N HIS A 145 -21.55 29.23 -43.40
CA HIS A 145 -22.10 30.50 -42.89
C HIS A 145 -21.68 30.74 -41.43
N LYS A 146 -22.00 29.77 -40.56
CA LYS A 146 -21.63 29.84 -39.14
C LYS A 146 -20.13 30.10 -38.89
N TRP A 147 -19.27 29.50 -39.73
CA TRP A 147 -17.82 29.43 -39.48
C TRP A 147 -17.03 30.64 -39.97
N GLU A 148 -17.44 31.22 -41.09
CA GLU A 148 -16.88 32.50 -41.54
C GLU A 148 -17.50 33.68 -40.77
N ALA A 149 -18.69 33.48 -40.21
CA ALA A 149 -19.30 34.43 -39.28
C ALA A 149 -18.54 34.43 -37.95
N ALA A 150 -18.32 33.25 -37.38
CA ALA A 150 -17.59 33.12 -36.10
C ALA A 150 -16.05 33.31 -36.20
N HIS A 151 -15.54 33.56 -37.40
CA HIS A 151 -14.09 33.76 -37.67
C HIS A 151 -13.26 32.51 -37.31
N VAL A 152 -13.79 31.34 -37.68
CA VAL A 152 -13.12 30.06 -37.44
C VAL A 152 -11.87 29.96 -38.32
N ALA A 153 -12.04 30.32 -39.60
CA ALA A 153 -10.93 30.39 -40.55
C ALA A 153 -9.79 31.31 -40.08
N GLU A 154 -10.14 32.42 -39.46
CA GLU A 154 -9.14 33.36 -38.94
C GLU A 154 -8.31 32.75 -37.83
N GLN A 155 -8.96 32.07 -36.90
CA GLN A 155 -8.26 31.44 -35.76
C GLN A 155 -7.66 30.07 -36.07
N LEU A 156 -8.16 29.41 -37.12
CA LEU A 156 -7.50 28.20 -37.65
C LEU A 156 -6.14 28.52 -38.26
N ARG A 157 -6.07 29.53 -39.13
CA ARG A 157 -4.79 29.94 -39.72
C ARG A 157 -3.79 30.40 -38.66
N ALA A 158 -4.29 30.95 -37.56
CA ALA A 158 -3.46 31.30 -36.42
C ALA A 158 -2.92 30.05 -35.71
N TYR A 159 -3.76 29.04 -35.53
CA TYR A 159 -3.33 27.75 -34.97
C TYR A 159 -2.31 27.08 -35.90
N LEU A 160 -2.73 26.88 -37.15
CA LEU A 160 -1.95 26.17 -38.15
C LEU A 160 -0.56 26.76 -38.40
N GLU A 161 -0.48 28.06 -38.67
CA GLU A 161 0.83 28.72 -38.86
C GLU A 161 1.57 29.01 -37.56
N GLY A 162 0.89 28.87 -36.42
CA GLY A 162 1.45 29.21 -35.13
C GLY A 162 1.73 27.99 -34.28
N THR A 163 0.83 27.70 -33.33
CA THR A 163 1.08 26.69 -32.30
C THR A 163 1.16 25.26 -32.86
N CYS A 164 0.56 25.00 -34.03
CA CYS A 164 0.69 23.71 -34.68
C CYS A 164 2.17 23.43 -35.02
N VAL A 165 2.77 24.36 -35.75
CA VAL A 165 4.15 24.20 -36.24
C VAL A 165 5.20 24.37 -35.13
N GLU A 166 4.93 25.24 -34.16
CA GLU A 166 5.86 25.43 -33.03
C GLU A 166 5.97 24.17 -32.17
N TRP A 167 4.83 23.53 -31.90
CA TRP A 167 4.81 22.27 -31.12
C TRP A 167 5.28 21.04 -31.92
N LEU A 168 5.08 21.08 -33.24
CA LEU A 168 5.64 20.07 -34.13
C LEU A 168 7.16 20.07 -33.95
N ARG A 169 7.75 21.25 -34.12
CA ARG A 169 9.19 21.46 -33.93
C ARG A 169 9.71 20.97 -32.57
N ARG A 170 8.97 21.25 -31.51
CA ARG A 170 9.28 20.71 -30.18
C ARG A 170 9.23 19.18 -30.22
N TYR A 171 8.20 18.64 -30.87
CA TYR A 171 8.07 17.18 -31.04
C TYR A 171 9.21 16.60 -31.88
N LEU A 172 9.57 17.26 -32.99
CA LEU A 172 10.69 16.81 -33.81
C LEU A 172 12.01 16.70 -33.03
N GLU A 173 12.28 17.67 -32.15
CA GLU A 173 13.52 17.64 -31.36
C GLU A 173 13.44 16.61 -30.23
N ASN A 174 12.32 16.56 -29.53
CA ASN A 174 12.13 15.61 -28.42
C ASN A 174 12.16 14.16 -28.87
N GLY A 175 11.54 13.88 -30.02
CA GLY A 175 11.60 12.55 -30.61
C GLY A 175 12.64 12.45 -31.72
N LYS A 176 13.79 13.13 -31.56
CA LYS A 176 14.84 13.21 -32.60
C LYS A 176 15.24 11.84 -33.14
N GLU A 177 15.52 10.91 -32.23
CA GLU A 177 15.95 9.56 -32.56
C GLU A 177 14.89 8.76 -33.34
N THR A 178 13.61 9.11 -33.14
CA THR A 178 12.50 8.43 -33.78
C THR A 178 12.03 9.11 -35.07
N LEU A 179 11.95 10.44 -35.07
CA LEU A 179 11.25 11.17 -36.14
C LEU A 179 12.16 11.71 -37.22
N GLN A 180 13.42 11.97 -36.90
CA GLN A 180 14.37 12.56 -37.88
C GLN A 180 15.28 11.54 -38.53
N ARG A 181 15.29 10.35 -37.94
CA ARG A 181 16.08 9.22 -38.41
C ARG A 181 15.14 8.24 -39.13
N THR A 182 15.71 7.53 -40.11
CA THR A 182 14.95 6.64 -41.00
C THR A 182 15.38 5.20 -40.78
N ASP A 183 14.46 4.27 -41.04
CA ASP A 183 14.79 2.85 -41.16
C ASP A 183 14.80 2.53 -42.66
N ALA A 184 15.96 2.13 -43.18
CA ALA A 184 16.08 1.67 -44.56
C ALA A 184 15.38 0.31 -44.69
N PRO A 185 14.72 0.03 -45.82
CA PRO A 185 14.07 -1.26 -46.00
C PRO A 185 15.04 -2.43 -46.07
N LYS A 186 14.72 -3.53 -45.39
CA LYS A 186 15.39 -4.81 -45.63
C LYS A 186 14.65 -5.48 -46.79
N THR A 187 15.33 -5.65 -47.92
CA THR A 187 14.70 -6.19 -49.13
C THR A 187 15.17 -7.61 -49.49
N HIS A 188 14.27 -8.36 -50.14
CA HIS A 188 14.57 -9.69 -50.68
C HIS A 188 13.50 -10.13 -51.69
N MET A 189 13.83 -11.15 -52.48
CA MET A 189 12.91 -11.72 -53.50
C MET A 189 12.60 -13.16 -53.18
N THR A 190 11.35 -13.57 -53.45
CA THR A 190 10.91 -14.94 -53.31
C THR A 190 10.30 -15.38 -54.62
N HIS A 191 10.20 -16.70 -54.78
CA HIS A 191 9.75 -17.35 -56.01
C HIS A 191 8.69 -18.37 -55.65
N HIS A 192 7.60 -18.39 -56.43
CA HIS A 192 6.48 -19.32 -56.22
C HIS A 192 6.02 -19.90 -57.54
N ALA A 193 6.18 -21.22 -57.69
CA ALA A 193 5.63 -21.96 -58.81
C ALA A 193 4.13 -21.75 -58.88
N VAL A 194 3.65 -21.38 -60.07
CA VAL A 194 2.22 -21.27 -60.37
C VAL A 194 1.79 -22.51 -61.18
N SER A 195 2.48 -22.72 -62.30
CA SER A 195 2.30 -23.90 -63.14
C SER A 195 3.67 -24.35 -63.63
N ASP A 196 3.68 -25.31 -64.56
CA ASP A 196 4.92 -25.74 -65.20
C ASP A 196 5.46 -24.64 -66.11
N HIS A 197 4.57 -23.81 -66.64
CA HIS A 197 4.95 -22.72 -67.54
C HIS A 197 5.13 -21.35 -66.87
N GLU A 198 4.44 -21.13 -65.76
CA GLU A 198 4.46 -19.80 -65.10
C GLU A 198 4.87 -19.85 -63.62
N ALA A 199 5.39 -18.72 -63.14
CA ALA A 199 5.82 -18.54 -61.75
C ALA A 199 5.70 -17.09 -61.29
N THR A 200 5.50 -16.90 -59.97
CA THR A 200 5.39 -15.59 -59.35
C THR A 200 6.72 -15.17 -58.73
N LEU A 201 7.27 -14.03 -59.16
CA LEU A 201 8.40 -13.37 -58.45
C LEU A 201 7.87 -12.25 -57.56
N ARG A 202 8.21 -12.27 -56.27
CA ARG A 202 7.70 -11.27 -55.32
C ARG A 202 8.87 -10.54 -54.70
N CYS A 203 8.80 -9.21 -54.71
CA CYS A 203 9.83 -8.35 -54.14
C CYS A 203 9.38 -7.82 -52.76
N TRP A 204 10.19 -8.04 -51.74
CA TRP A 204 9.83 -7.66 -50.37
C TRP A 204 10.59 -6.43 -49.89
N ALA A 205 9.89 -5.53 -49.19
CA ALA A 205 10.51 -4.43 -48.45
C ALA A 205 9.99 -4.50 -47.02
N LEU A 206 10.88 -4.56 -46.05
CA LEU A 206 10.52 -4.76 -44.65
C LEU A 206 11.26 -3.81 -43.71
N SER A 207 10.69 -3.61 -42.52
CA SER A 207 11.23 -2.74 -41.48
C SER A 207 11.67 -1.39 -41.98
N PHE A 208 10.86 -0.75 -42.81
CA PHE A 208 11.18 0.62 -43.24
C PHE A 208 10.30 1.65 -42.55
N TYR A 209 10.86 2.86 -42.44
CA TYR A 209 10.19 4.04 -41.93
C TYR A 209 10.90 5.23 -42.59
N PRO A 210 10.17 6.19 -43.18
CA PRO A 210 8.69 6.30 -43.20
C PRO A 210 8.00 5.33 -44.19
N ALA A 211 6.67 5.41 -44.29
CA ALA A 211 5.88 4.48 -45.11
C ALA A 211 6.01 4.68 -46.61
N GLU A 212 6.32 5.91 -47.04
CA GLU A 212 6.44 6.21 -48.46
C GLU A 212 7.57 5.41 -49.10
N ILE A 213 7.20 4.63 -50.12
CA ILE A 213 8.12 3.73 -50.79
C ILE A 213 7.57 3.45 -52.18
N THR A 214 8.45 3.17 -53.14
CA THR A 214 8.03 2.67 -54.45
C THR A 214 8.78 1.37 -54.74
N LEU A 215 8.02 0.34 -55.11
CA LEU A 215 8.54 -0.95 -55.57
C LEU A 215 8.01 -1.20 -56.96
N THR A 216 8.92 -1.43 -57.90
CA THR A 216 8.56 -1.74 -59.27
C THR A 216 9.37 -2.93 -59.78
N TRP A 217 8.74 -3.69 -60.67
CA TRP A 217 9.41 -4.76 -61.38
C TRP A 217 9.75 -4.28 -62.78
N GLN A 218 10.93 -4.64 -63.25
CA GLN A 218 11.33 -4.40 -64.64
C GLN A 218 11.72 -5.72 -65.27
N ARG A 219 11.41 -5.84 -66.56
CA ARG A 219 11.83 -6.96 -67.41
C ARG A 219 12.74 -6.37 -68.46
N ASP A 220 13.96 -6.90 -68.60
CA ASP A 220 14.94 -6.40 -69.59
C ASP A 220 15.13 -4.89 -69.54
N GLY A 221 14.87 -4.26 -68.38
CA GLY A 221 14.86 -2.81 -68.25
C GLY A 221 13.51 -2.11 -68.40
N GLU A 222 12.57 -2.75 -69.10
CA GLU A 222 11.24 -2.18 -69.29
C GLU A 222 10.36 -2.43 -68.07
N ASP A 223 9.68 -1.39 -67.61
CA ASP A 223 8.79 -1.49 -66.43
C ASP A 223 7.60 -2.38 -66.74
N GLN A 224 7.17 -3.19 -65.77
CA GLN A 224 5.99 -4.06 -65.91
C GLN A 224 4.81 -3.50 -65.12
N THR A 225 4.60 -2.19 -65.27
CA THR A 225 3.55 -1.44 -64.57
C THR A 225 2.20 -2.16 -64.59
N GLN A 226 1.75 -2.56 -65.78
CA GLN A 226 0.45 -3.24 -65.95
C GLN A 226 0.36 -4.56 -65.18
N ASP A 227 1.40 -5.37 -65.24
CA ASP A 227 1.34 -6.76 -64.72
C ASP A 227 1.75 -6.95 -63.26
N THR A 228 2.23 -5.88 -62.62
CA THR A 228 2.65 -5.92 -61.22
C THR A 228 1.45 -5.77 -60.29
N GLU A 229 1.27 -6.71 -59.37
CA GLU A 229 0.32 -6.56 -58.26
C GLU A 229 1.08 -5.96 -57.07
N LEU A 230 0.52 -4.92 -56.47
CA LEU A 230 1.10 -4.29 -55.29
C LEU A 230 0.12 -4.39 -54.14
N VAL A 231 0.53 -4.94 -53.00
CA VAL A 231 -0.29 -4.80 -51.80
C VAL A 231 -0.14 -3.40 -51.24
N GLU A 232 -1.13 -3.00 -50.46
CA GLU A 232 -1.11 -1.76 -49.72
C GLU A 232 0.00 -1.82 -48.65
N THR A 233 0.80 -0.76 -48.55
CA THR A 233 1.79 -0.63 -47.48
C THR A 233 1.08 -0.82 -46.14
N ARG A 234 1.68 -1.63 -45.27
CA ARG A 234 1.03 -2.09 -44.04
C ARG A 234 1.97 -1.90 -42.84
N PRO A 235 1.41 -1.69 -41.63
CA PRO A 235 2.27 -1.51 -40.45
C PRO A 235 2.76 -2.83 -39.88
N ALA A 236 3.99 -2.85 -39.39
CA ALA A 236 4.53 -4.05 -38.76
C ALA A 236 4.09 -4.23 -37.30
N GLY A 237 3.72 -3.13 -36.64
CA GLY A 237 3.43 -3.11 -35.20
C GLY A 237 4.53 -2.51 -34.33
N ASP A 238 5.74 -2.40 -34.87
CA ASP A 238 6.92 -1.95 -34.11
C ASP A 238 7.40 -0.57 -34.55
N GLY A 239 6.57 0.18 -35.27
CA GLY A 239 6.92 1.52 -35.77
C GLY A 239 7.41 1.52 -37.21
N THR A 240 7.50 0.34 -37.84
CA THR A 240 7.97 0.22 -39.22
C THR A 240 6.87 -0.30 -40.12
N PHE A 241 7.14 -0.28 -41.43
CA PHE A 241 6.16 -0.67 -42.42
C PHE A 241 6.70 -1.72 -43.37
N GLN A 242 5.78 -2.39 -44.05
CA GLN A 242 6.06 -3.43 -45.00
C GLN A 242 5.32 -3.18 -46.31
N LYS A 243 5.84 -3.77 -47.37
CA LYS A 243 5.22 -3.74 -48.67
C LYS A 243 5.89 -4.80 -49.52
N TRP A 244 5.12 -5.37 -50.43
CA TRP A 244 5.65 -6.19 -51.47
C TRP A 244 4.95 -5.95 -52.80
N ALA A 245 5.63 -6.37 -53.85
CA ALA A 245 5.15 -6.27 -55.22
C ALA A 245 5.46 -7.56 -55.94
N ALA A 246 4.52 -8.05 -56.74
CA ALA A 246 4.71 -9.32 -57.45
C ALA A 246 4.38 -9.27 -58.94
N VAL A 247 5.01 -10.16 -59.70
CA VAL A 247 4.76 -10.35 -61.12
C VAL A 247 4.78 -11.82 -61.49
N VAL A 248 3.82 -12.22 -62.33
CA VAL A 248 3.77 -13.54 -62.93
C VAL A 248 4.73 -13.52 -64.09
N VAL A 249 5.49 -14.59 -64.20
CA VAL A 249 6.66 -14.64 -65.07
C VAL A 249 6.66 -16.00 -65.78
N PRO A 250 7.06 -16.05 -67.07
CA PRO A 250 7.22 -17.36 -67.70
C PRO A 250 8.45 -18.10 -67.14
N SER A 251 8.31 -19.39 -66.82
CA SER A 251 9.41 -20.22 -66.32
C SER A 251 10.58 -20.26 -67.28
N GLY A 252 11.79 -20.12 -66.74
CA GLY A 252 12.99 -20.06 -67.55
C GLY A 252 13.39 -18.64 -67.88
N GLN A 253 12.55 -17.65 -67.54
CA GLN A 253 12.86 -16.26 -67.85
C GLN A 253 13.09 -15.37 -66.61
N GLU A 254 13.14 -15.97 -65.42
CA GLU A 254 13.27 -15.19 -64.18
C GLU A 254 14.44 -14.22 -64.20
N GLN A 255 15.54 -14.68 -64.81
CA GLN A 255 16.79 -13.91 -64.93
C GLN A 255 16.68 -12.55 -65.61
N ARG A 256 15.63 -12.35 -66.39
CA ARG A 256 15.40 -11.09 -67.08
C ARG A 256 14.77 -10.03 -66.19
N TYR A 257 14.35 -10.39 -64.98
CA TYR A 257 13.59 -9.49 -64.13
C TYR A 257 14.41 -8.87 -63.01
N THR A 258 14.17 -7.59 -62.74
CA THR A 258 14.81 -6.87 -61.66
C THR A 258 13.76 -6.12 -60.85
N CYS A 259 13.97 -6.06 -59.53
CA CYS A 259 13.11 -5.27 -58.63
C CYS A 259 13.84 -3.98 -58.29
N HIS A 260 13.08 -2.88 -58.25
CA HIS A 260 13.65 -1.53 -58.04
C HIS A 260 12.94 -0.86 -56.87
N VAL A 261 13.72 -0.29 -55.94
CA VAL A 261 13.23 0.17 -54.64
C VAL A 261 13.65 1.61 -54.36
N GLN A 262 12.69 2.50 -54.09
CA GLN A 262 12.93 3.92 -53.77
C GLN A 262 12.41 4.24 -52.39
N HIS A 263 13.26 4.78 -51.51
CA HIS A 263 12.87 5.12 -50.15
C HIS A 263 13.90 6.11 -49.54
N GLU A 264 13.43 6.98 -48.64
CA GLU A 264 14.27 8.02 -48.00
C GLU A 264 15.54 7.49 -47.35
N GLY A 265 15.37 6.45 -46.54
CA GLY A 265 16.45 5.71 -45.89
C GLY A 265 17.55 5.08 -46.73
N LEU A 266 17.38 5.03 -48.06
CA LEU A 266 18.40 4.56 -48.98
C LEU A 266 19.15 5.76 -49.59
N PRO A 267 20.50 5.78 -49.47
CA PRO A 267 21.26 6.89 -50.05
C PRO A 267 21.19 6.96 -51.59
N LYS A 268 20.82 5.85 -52.24
CA LYS A 268 20.52 5.82 -53.68
C LYS A 268 19.43 4.75 -53.94
N PRO A 269 18.72 4.84 -55.07
CA PRO A 269 17.73 3.80 -55.42
C PRO A 269 18.30 2.37 -55.65
N LEU A 270 17.71 1.36 -54.98
CA LEU A 270 18.14 -0.03 -55.10
C LEU A 270 17.67 -0.70 -56.39
N THR A 271 18.54 -1.50 -56.99
CA THR A 271 18.19 -2.39 -58.09
C THR A 271 18.55 -3.82 -57.67
N LEU A 272 17.52 -4.61 -57.35
CA LEU A 272 17.68 -6.03 -57.03
C LEU A 272 17.55 -6.88 -58.28
N ARG A 273 18.57 -7.67 -58.59
CA ARG A 273 18.51 -8.60 -59.72
C ARG A 273 18.17 -10.02 -59.22
N TRP A 274 17.25 -10.70 -59.90
CA TRP A 274 16.89 -12.07 -59.53
C TRP A 274 18.11 -12.99 -59.70
N GLU A 275 18.76 -12.87 -60.85
CA GLU A 275 19.98 -13.60 -61.16
C GLU A 275 20.98 -12.54 -61.53
N PRO A 276 21.88 -12.19 -60.57
CA PRO A 276 22.94 -11.20 -60.82
C PRO A 276 23.81 -11.55 -62.04
N ILE B 1 -22.41 6.04 -47.92
CA ILE B 1 -21.70 5.00 -48.73
C ILE B 1 -20.74 4.19 -47.83
N GLN B 2 -20.87 2.86 -47.86
CA GLN B 2 -20.09 1.97 -47.03
C GLN B 2 -18.95 1.37 -47.85
N ARG B 3 -17.93 0.86 -47.16
CA ARG B 3 -16.76 0.26 -47.82
C ARG B 3 -16.33 -1.02 -47.11
N THR B 4 -16.07 -2.07 -47.88
CA THR B 4 -15.76 -3.39 -47.32
C THR B 4 -14.23 -3.45 -47.03
N PRO B 5 -13.83 -4.04 -45.88
CA PRO B 5 -12.42 -4.01 -45.54
C PRO B 5 -11.54 -4.89 -46.44
N LYS B 6 -10.39 -4.35 -46.81
CA LYS B 6 -9.28 -5.12 -47.35
C LYS B 6 -8.59 -5.73 -46.14
N ILE B 7 -8.13 -6.97 -46.29
CA ILE B 7 -7.61 -7.76 -45.17
C ILE B 7 -6.26 -8.38 -45.52
N GLN B 8 -5.27 -8.14 -44.65
CA GLN B 8 -3.94 -8.76 -44.82
C GLN B 8 -3.54 -9.44 -43.53
N VAL B 9 -3.10 -10.70 -43.62
CA VAL B 9 -2.64 -11.44 -42.45
C VAL B 9 -1.16 -11.73 -42.67
N TYR B 10 -0.31 -11.27 -41.75
CA TYR B 10 1.14 -11.37 -41.92
C TYR B 10 1.80 -11.39 -40.55
N SER B 11 3.10 -11.63 -40.53
CA SER B 11 3.88 -11.61 -39.31
C SER B 11 4.71 -10.31 -39.25
N ARG B 12 5.03 -9.87 -38.03
CA ARG B 12 5.88 -8.69 -37.85
C ARG B 12 7.27 -8.86 -38.45
N HIS B 13 7.88 -10.02 -38.20
CA HIS B 13 9.24 -10.36 -38.64
C HIS B 13 9.19 -11.55 -39.60
N PRO B 14 10.25 -11.77 -40.38
CA PRO B 14 10.23 -12.98 -41.22
C PRO B 14 9.94 -14.22 -40.38
N ALA B 15 9.00 -15.03 -40.83
CA ALA B 15 8.52 -16.17 -40.05
C ALA B 15 9.55 -17.30 -39.99
N GLU B 16 9.70 -17.85 -38.79
CA GLU B 16 10.60 -18.97 -38.55
C GLU B 16 9.96 -19.83 -37.46
N ASN B 17 9.73 -21.11 -37.76
CA ASN B 17 8.92 -21.99 -36.90
C ASN B 17 9.33 -22.05 -35.43
N GLY B 18 10.60 -21.97 -35.12
CA GLY B 18 10.96 -21.93 -33.71
C GLY B 18 10.75 -20.60 -32.98
N LYS B 19 10.62 -19.51 -33.73
CA LYS B 19 10.92 -18.18 -33.22
C LYS B 19 9.69 -17.34 -32.96
N SER B 20 9.53 -16.89 -31.71
CA SER B 20 8.41 -16.03 -31.33
C SER B 20 8.43 -14.75 -32.13
N ASN B 21 7.22 -14.31 -32.46
CA ASN B 21 6.97 -13.28 -33.47
C ASN B 21 5.61 -12.62 -33.10
N PHE B 22 5.06 -11.82 -34.01
CA PHE B 22 3.73 -11.23 -33.85
C PHE B 22 2.86 -11.51 -35.07
N LEU B 23 1.69 -12.08 -34.86
CA LEU B 23 0.74 -12.31 -35.95
C LEU B 23 -0.10 -11.05 -36.08
N ASN B 24 -0.15 -10.49 -37.30
CA ASN B 24 -0.86 -9.24 -37.57
C ASN B 24 -2.05 -9.47 -38.49
N CYS B 25 -3.17 -8.80 -38.20
CA CYS B 25 -4.28 -8.69 -39.13
C CYS B 25 -4.62 -7.21 -39.31
N TYR B 26 -4.31 -6.70 -40.50
CA TYR B 26 -4.47 -5.30 -40.85
C TYR B 26 -5.72 -5.19 -41.71
N VAL B 27 -6.71 -4.47 -41.19
CA VAL B 27 -7.95 -4.21 -41.92
C VAL B 27 -7.91 -2.76 -42.27
N SER B 28 -8.12 -2.45 -43.54
CA SER B 28 -8.14 -1.07 -44.00
C SER B 28 -9.22 -0.88 -45.02
N GLY B 29 -9.41 0.38 -45.42
CA GLY B 29 -10.30 0.74 -46.49
C GLY B 29 -11.78 0.56 -46.20
N PHE B 30 -12.15 0.42 -44.92
CA PHE B 30 -13.55 0.13 -44.54
C PHE B 30 -14.34 1.34 -44.01
N HIS B 31 -15.65 1.23 -44.07
CA HIS B 31 -16.56 2.29 -43.57
C HIS B 31 -17.95 1.66 -43.46
N PRO B 32 -18.66 1.83 -42.35
CA PRO B 32 -18.25 2.54 -41.14
C PRO B 32 -17.18 1.80 -40.29
N SER B 33 -16.78 2.42 -39.18
CA SER B 33 -15.68 1.95 -38.32
C SER B 33 -15.93 0.71 -37.45
N ASP B 34 -17.19 0.43 -37.08
CA ASP B 34 -17.47 -0.76 -36.27
C ASP B 34 -17.02 -1.97 -37.06
N ILE B 35 -16.25 -2.83 -36.41
CA ILE B 35 -15.68 -3.98 -37.07
C ILE B 35 -15.31 -5.03 -36.03
N GLU B 36 -15.56 -6.29 -36.34
CA GLU B 36 -15.21 -7.40 -35.44
C GLU B 36 -14.05 -8.18 -36.04
N VAL B 37 -12.91 -8.18 -35.35
CA VAL B 37 -11.70 -8.84 -35.84
C VAL B 37 -11.16 -9.74 -34.75
N ASP B 38 -11.03 -11.02 -35.08
CA ASP B 38 -10.46 -12.04 -34.20
C ASP B 38 -9.31 -12.74 -34.90
N LEU B 39 -8.27 -13.07 -34.15
CA LEU B 39 -7.22 -13.96 -34.62
C LEU B 39 -7.54 -15.38 -34.13
N LEU B 40 -7.39 -16.36 -35.03
CA LEU B 40 -7.72 -17.75 -34.76
C LEU B 40 -6.48 -18.65 -34.85
N LYS B 41 -6.42 -19.65 -33.96
CA LYS B 41 -5.36 -20.65 -33.89
C LYS B 41 -6.04 -22.02 -34.00
N ASN B 42 -5.77 -22.71 -35.10
CA ASN B 42 -6.48 -23.94 -35.48
C ASN B 42 -8.00 -23.78 -35.35
N GLY B 43 -8.51 -22.62 -35.76
CA GLY B 43 -9.95 -22.36 -35.80
C GLY B 43 -10.60 -21.81 -34.54
N GLU B 44 -9.82 -21.66 -33.46
CA GLU B 44 -10.34 -21.17 -32.18
C GLU B 44 -9.82 -19.76 -31.85
N ARG B 45 -10.72 -18.95 -31.31
CA ARG B 45 -10.43 -17.56 -30.98
C ARG B 45 -9.29 -17.47 -29.96
N ILE B 46 -8.34 -16.58 -30.20
CA ILE B 46 -7.22 -16.35 -29.29
C ILE B 46 -7.65 -15.24 -28.32
N GLU B 47 -7.42 -15.48 -27.03
CA GLU B 47 -7.78 -14.53 -25.96
C GLU B 47 -6.80 -13.36 -25.95
N LYS B 48 -7.29 -12.19 -25.55
CA LYS B 48 -6.45 -11.00 -25.32
C LYS B 48 -5.62 -10.58 -26.56
N VAL B 49 -6.30 -10.43 -27.69
CA VAL B 49 -5.70 -9.86 -28.89
C VAL B 49 -5.76 -8.35 -28.71
N GLU B 50 -4.69 -7.66 -29.08
CA GLU B 50 -4.64 -6.20 -29.01
C GLU B 50 -4.97 -5.57 -30.36
N HIS B 51 -5.20 -4.25 -30.35
CA HIS B 51 -5.39 -3.47 -31.57
C HIS B 51 -4.86 -2.07 -31.46
N SER B 52 -4.57 -1.47 -32.61
CA SER B 52 -4.18 -0.05 -32.68
C SER B 52 -5.39 0.85 -32.45
N ASP B 53 -5.14 2.15 -32.40
CA ASP B 53 -6.19 3.16 -32.21
C ASP B 53 -6.77 3.60 -33.54
N LEU B 54 -8.09 3.73 -33.57
CA LEU B 54 -8.82 4.01 -34.79
C LEU B 54 -8.29 5.26 -35.48
N SER B 55 -7.85 5.10 -36.74
CA SER B 55 -7.46 6.22 -37.59
C SER B 55 -8.00 5.98 -38.99
N PHE B 56 -7.72 6.89 -39.90
CA PHE B 56 -8.27 6.81 -41.25
C PHE B 56 -7.38 7.51 -42.25
N SER B 57 -7.64 7.25 -43.53
CA SER B 57 -6.81 7.72 -44.66
C SER B 57 -7.47 8.91 -45.37
N LYS B 58 -6.85 9.42 -46.43
CA LYS B 58 -7.39 10.58 -47.13
C LYS B 58 -8.89 10.44 -47.42
N ASP B 59 -9.24 9.34 -48.07
CA ASP B 59 -10.64 9.06 -48.47
C ASP B 59 -11.58 8.72 -47.28
N TRP B 60 -11.12 8.97 -46.06
CA TRP B 60 -11.90 8.82 -44.82
C TRP B 60 -12.14 7.40 -44.34
N SER B 61 -11.73 6.40 -45.12
CA SER B 61 -11.88 4.99 -44.74
C SER B 61 -10.88 4.64 -43.64
N PHE B 62 -11.27 3.70 -42.80
CA PHE B 62 -10.55 3.43 -41.57
C PHE B 62 -9.55 2.31 -41.77
N TYR B 63 -8.58 2.26 -40.86
CA TYR B 63 -7.65 1.13 -40.76
C TYR B 63 -7.36 0.79 -39.30
N LEU B 64 -7.16 -0.49 -39.05
CA LEU B 64 -6.83 -0.99 -37.73
C LEU B 64 -5.83 -2.12 -37.89
N LEU B 65 -4.92 -2.22 -36.93
CA LEU B 65 -4.04 -3.36 -36.82
C LEU B 65 -4.40 -4.16 -35.59
N TYR B 66 -4.75 -5.43 -35.78
CA TYR B 66 -4.97 -6.36 -34.70
C TYR B 66 -3.78 -7.30 -34.64
N TYR B 67 -3.28 -7.55 -33.43
CA TYR B 67 -2.05 -8.29 -33.23
C TYR B 67 -1.95 -9.09 -31.92
N THR B 68 -1.20 -10.18 -31.98
CA THR B 68 -0.82 -10.94 -30.80
C THR B 68 0.53 -11.61 -31.01
N GLU B 69 1.21 -11.91 -29.92
CA GLU B 69 2.49 -12.60 -30.01
C GLU B 69 2.17 -14.06 -30.28
N PHE B 70 3.02 -14.70 -31.06
CA PHE B 70 2.84 -16.11 -31.39
C PHE B 70 4.15 -16.79 -31.76
N THR B 71 4.10 -18.11 -31.80
CA THR B 71 5.21 -18.92 -32.25
C THR B 71 4.70 -19.83 -33.37
N PRO B 72 5.00 -19.49 -34.63
CA PRO B 72 4.50 -20.33 -35.72
C PRO B 72 5.04 -21.77 -35.68
N THR B 73 4.28 -22.72 -36.18
CA THR B 73 4.66 -24.14 -36.27
C THR B 73 4.34 -24.66 -37.67
N GLU B 74 4.91 -25.80 -38.05
CA GLU B 74 4.62 -26.41 -39.35
C GLU B 74 3.20 -27.01 -39.42
N LYS B 75 2.57 -27.15 -38.25
CA LYS B 75 1.23 -27.71 -38.16
C LYS B 75 0.16 -26.68 -37.80
N ASP B 76 0.46 -25.83 -36.81
CA ASP B 76 -0.54 -24.86 -36.33
C ASP B 76 -0.99 -23.87 -37.43
N GLU B 77 -2.29 -23.90 -37.75
CA GLU B 77 -2.86 -22.97 -38.72
C GLU B 77 -3.44 -21.72 -38.06
N TYR B 78 -2.97 -20.56 -38.50
CA TYR B 78 -3.45 -19.27 -38.01
C TYR B 78 -4.33 -18.58 -39.07
N ALA B 79 -5.35 -17.86 -38.60
CA ALA B 79 -6.27 -17.13 -39.48
C ALA B 79 -6.74 -15.82 -38.84
N CYS B 80 -7.31 -14.94 -39.65
CA CYS B 80 -7.98 -13.73 -39.17
C CYS B 80 -9.44 -13.84 -39.55
N ARG B 81 -10.33 -13.70 -38.57
CA ARG B 81 -11.77 -13.66 -38.80
C ARG B 81 -12.23 -12.22 -38.71
N VAL B 82 -12.81 -11.70 -39.80
CA VAL B 82 -13.33 -10.32 -39.86
C VAL B 82 -14.81 -10.33 -40.16
N ASN B 83 -15.60 -9.60 -39.37
CA ASN B 83 -16.99 -9.33 -39.69
C ASN B 83 -17.28 -7.84 -39.73
N HIS B 84 -18.16 -7.45 -40.64
CA HIS B 84 -18.44 -6.04 -40.95
C HIS B 84 -19.82 -5.97 -41.58
N VAL B 85 -20.51 -4.83 -41.43
CA VAL B 85 -21.85 -4.62 -42.02
C VAL B 85 -21.92 -4.73 -43.56
N THR B 86 -20.79 -4.60 -44.25
CA THR B 86 -20.70 -4.83 -45.70
C THR B 86 -20.56 -6.32 -46.07
N LEU B 87 -20.30 -7.15 -45.07
CA LEU B 87 -20.20 -8.59 -45.24
C LEU B 87 -21.49 -9.30 -44.83
N SER B 88 -21.86 -10.30 -45.62
CA SER B 88 -23.03 -11.14 -45.33
C SER B 88 -22.77 -12.05 -44.13
N GLN B 89 -21.52 -12.50 -44.01
CA GLN B 89 -21.08 -13.31 -42.88
C GLN B 89 -19.57 -13.13 -42.68
N PRO B 90 -19.04 -13.56 -41.51
CA PRO B 90 -17.61 -13.39 -41.24
C PRO B 90 -16.73 -13.97 -42.35
N LYS B 91 -15.71 -13.22 -42.73
CA LYS B 91 -14.74 -13.68 -43.71
C LYS B 91 -13.50 -14.16 -42.95
N ILE B 92 -13.00 -15.33 -43.30
CA ILE B 92 -11.80 -15.89 -42.69
C ILE B 92 -10.68 -15.79 -43.70
N VAL B 93 -9.55 -15.19 -43.30
CA VAL B 93 -8.35 -15.14 -44.13
C VAL B 93 -7.25 -15.91 -43.41
N LYS B 94 -6.77 -16.96 -44.04
CA LYS B 94 -5.70 -17.78 -43.48
C LYS B 94 -4.38 -17.04 -43.54
N TRP B 95 -3.55 -17.24 -42.51
CA TRP B 95 -2.20 -16.69 -42.54
C TRP B 95 -1.38 -17.47 -43.56
N ASP B 96 -0.99 -16.80 -44.63
CA ASP B 96 -0.12 -17.36 -45.63
C ASP B 96 1.28 -16.78 -45.34
N ARG B 97 2.23 -17.66 -45.02
CA ARG B 97 3.61 -17.28 -44.68
C ARG B 97 4.36 -16.41 -45.73
N ASP B 98 3.85 -16.32 -46.96
CA ASP B 98 4.42 -15.43 -47.98
C ASP B 98 3.42 -14.58 -48.79
N MET B 99 2.17 -14.46 -48.31
CA MET B 99 1.03 -13.74 -48.96
C MET B 99 0.60 -14.11 -50.39
N ILE C 1 0.13 19.89 -30.40
CA ILE C 1 -1.04 20.08 -29.49
C ILE C 1 -2.32 20.36 -30.27
N LEU C 2 -3.46 20.04 -29.65
CA LEU C 2 -4.77 20.34 -30.22
C LEU C 2 -5.02 21.85 -30.33
N LYS C 3 -5.91 22.22 -31.26
CA LYS C 3 -6.39 23.58 -31.37
C LYS C 3 -7.47 23.83 -30.32
N GLU C 4 -7.59 25.08 -29.91
CA GLU C 4 -8.52 25.51 -28.88
C GLU C 4 -9.11 26.84 -29.37
N PRO C 5 -10.43 27.05 -29.31
CA PRO C 5 -11.45 26.04 -29.09
C PRO C 5 -11.87 25.43 -30.43
N VAL C 6 -12.88 24.58 -30.37
CA VAL C 6 -13.41 23.89 -31.55
C VAL C 6 -14.91 24.20 -31.65
N HIS C 7 -15.41 24.25 -32.89
CA HIS C 7 -16.78 24.64 -33.18
C HIS C 7 -17.61 23.50 -33.70
N GLY C 8 -18.90 23.54 -33.36
CA GLY C 8 -19.89 22.63 -33.92
C GLY C 8 -20.22 23.01 -35.34
N VAL C 9 -20.86 22.10 -36.05
CA VAL C 9 -21.29 22.36 -37.43
C VAL C 9 -22.74 22.85 -37.43
N PRO D 1 -3.28 -33.86 -76.44
CA PRO D 1 -4.73 -34.09 -76.61
C PRO D 1 -5.58 -33.26 -75.61
N LYS D 2 -5.76 -31.98 -75.94
CA LYS D 2 -6.43 -30.97 -75.10
C LYS D 2 -7.67 -31.47 -74.31
N PRO D 3 -7.59 -31.53 -72.96
CA PRO D 3 -8.73 -32.02 -72.19
C PRO D 3 -9.79 -30.94 -71.95
N THR D 4 -10.86 -31.33 -71.25
CA THR D 4 -11.97 -30.42 -70.94
C THR D 4 -12.04 -30.16 -69.43
N LEU D 5 -12.61 -29.01 -69.06
CA LEU D 5 -12.77 -28.63 -67.65
C LEU D 5 -14.12 -27.94 -67.43
N TRP D 6 -15.00 -28.60 -66.68
CA TRP D 6 -16.30 -28.04 -66.28
C TRP D 6 -16.45 -28.10 -64.76
N ALA D 7 -17.57 -27.59 -64.25
CA ALA D 7 -17.89 -27.65 -62.82
C ALA D 7 -19.33 -28.10 -62.58
N GLU D 8 -19.53 -28.91 -61.54
CA GLU D 8 -20.84 -29.41 -61.12
C GLU D 8 -21.14 -28.87 -59.72
N PRO D 9 -22.30 -28.22 -59.48
CA PRO D 9 -23.42 -28.04 -60.44
C PRO D 9 -23.15 -27.09 -61.59
N GLY D 10 -22.34 -26.06 -61.32
CA GLY D 10 -21.93 -25.07 -62.31
C GLY D 10 -20.71 -24.31 -61.80
N SER D 11 -20.30 -23.28 -62.53
CA SER D 11 -19.13 -22.46 -62.19
C SER D 11 -19.43 -21.18 -61.39
N VAL D 12 -20.70 -20.92 -61.07
CA VAL D 12 -21.11 -19.76 -60.27
C VAL D 12 -21.84 -20.28 -59.05
N ILE D 13 -21.15 -20.32 -57.90
CA ILE D 13 -21.65 -21.04 -56.73
C ILE D 13 -21.67 -20.13 -55.51
N THR D 14 -22.72 -20.27 -54.71
CA THR D 14 -22.93 -19.43 -53.54
C THR D 14 -22.01 -19.93 -52.44
N GLN D 15 -21.50 -19.02 -51.61
CA GLN D 15 -20.53 -19.44 -50.59
C GLN D 15 -21.16 -20.35 -49.55
N GLY D 16 -20.44 -21.40 -49.16
CA GLY D 16 -20.97 -22.43 -48.29
C GLY D 16 -21.59 -23.62 -49.02
N SER D 17 -21.78 -23.51 -50.34
CA SER D 17 -22.41 -24.56 -51.14
C SER D 17 -21.33 -25.44 -51.80
N PRO D 18 -21.65 -26.71 -52.11
CA PRO D 18 -20.62 -27.58 -52.70
C PRO D 18 -20.41 -27.40 -54.20
N VAL D 19 -19.23 -27.78 -54.66
CA VAL D 19 -18.91 -27.81 -56.09
C VAL D 19 -17.73 -28.76 -56.36
N THR D 20 -17.77 -29.40 -57.53
CA THR D 20 -16.71 -30.29 -57.97
C THR D 20 -16.24 -29.83 -59.36
N LEU D 21 -14.95 -29.57 -59.48
CA LEU D 21 -14.32 -29.33 -60.77
C LEU D 21 -13.95 -30.70 -61.36
N ARG D 22 -14.48 -30.99 -62.54
CA ARG D 22 -14.20 -32.25 -63.22
C ARG D 22 -13.36 -32.01 -64.48
N CYS D 23 -12.38 -32.87 -64.69
CA CYS D 23 -11.47 -32.78 -65.85
C CYS D 23 -11.38 -34.14 -66.56
N GLN D 24 -11.33 -34.13 -67.89
CA GLN D 24 -11.24 -35.35 -68.67
C GLN D 24 -10.16 -35.24 -69.75
N TYR D 32 -3.39 -36.07 -64.27
CA TYR D 32 -3.92 -34.72 -64.03
C TYR D 32 -2.99 -33.89 -63.13
N ARG D 33 -3.10 -32.57 -63.36
CA ARG D 33 -2.71 -31.48 -62.43
C ARG D 33 -3.41 -30.07 -62.60
N LEU D 34 -4.70 -29.97 -62.21
CA LEU D 34 -5.45 -28.73 -62.02
C LEU D 34 -4.60 -27.71 -61.27
N TYR D 35 -4.64 -26.46 -61.75
CA TYR D 35 -3.97 -25.33 -61.09
C TYR D 35 -4.76 -24.03 -61.31
N ARG D 36 -4.42 -22.97 -60.56
CA ARG D 36 -5.10 -21.67 -60.64
C ARG D 36 -4.18 -20.58 -61.17
N GLU D 37 -4.67 -19.78 -62.11
CA GLU D 37 -3.85 -18.75 -62.74
C GLU D 37 -3.51 -17.63 -61.76
N LYS D 38 -2.27 -17.16 -61.81
CA LYS D 38 -1.84 -16.04 -60.97
C LYS D 38 -1.35 -16.46 -59.58
N LYS D 39 -2.21 -17.17 -58.85
CA LYS D 39 -1.95 -17.53 -57.44
C LYS D 39 -2.27 -19.00 -57.22
N THR D 40 -1.44 -19.70 -56.45
CA THR D 40 -1.61 -21.13 -56.23
C THR D 40 -2.89 -21.38 -55.43
N ALA D 41 -3.49 -22.55 -55.63
CA ALA D 41 -4.71 -22.94 -54.94
C ALA D 41 -4.42 -24.16 -54.06
N PRO D 42 -4.06 -23.93 -52.77
CA PRO D 42 -3.64 -25.03 -51.90
C PRO D 42 -4.66 -26.14 -51.69
N TRP D 43 -5.95 -25.86 -51.88
CA TRP D 43 -6.98 -26.90 -51.75
C TRP D 43 -6.79 -28.10 -52.72
N ILE D 44 -6.16 -27.86 -53.88
CA ILE D 44 -5.89 -28.92 -54.87
C ILE D 44 -4.84 -29.92 -54.35
N THR D 45 -3.79 -29.38 -53.73
CA THR D 45 -2.72 -30.18 -53.15
C THR D 45 -3.14 -30.93 -51.86
N ARG D 46 -4.42 -30.87 -51.48
CA ARG D 46 -4.99 -31.68 -50.40
C ARG D 46 -6.10 -32.64 -50.87
N ILE D 47 -6.21 -32.85 -52.19
CA ILE D 47 -7.13 -33.82 -52.76
C ILE D 47 -6.37 -35.15 -52.86
N PRO D 48 -7.09 -36.27 -52.76
CA PRO D 48 -6.46 -37.60 -52.85
C PRO D 48 -6.14 -37.98 -54.30
N PHE D 57 -11.95 -33.58 -58.43
CA PHE D 57 -11.55 -32.48 -57.54
C PHE D 57 -12.75 -31.84 -56.84
N PRO D 58 -13.14 -32.36 -55.65
CA PRO D 58 -14.29 -31.79 -54.94
C PRO D 58 -13.95 -30.71 -53.91
N ILE D 59 -14.84 -29.72 -53.79
CA ILE D 59 -14.82 -28.72 -52.72
C ILE D 59 -16.11 -28.93 -51.93
N PRO D 60 -16.01 -29.24 -50.61
CA PRO D 60 -17.22 -29.47 -49.81
C PRO D 60 -18.06 -28.22 -49.63
N SER D 61 -17.44 -27.13 -49.19
CA SER D 61 -18.08 -25.82 -49.07
C SER D 61 -17.16 -24.74 -49.65
N ILE D 62 -17.60 -24.12 -50.74
CA ILE D 62 -16.78 -23.10 -51.40
C ILE D 62 -16.74 -21.82 -50.56
N THR D 63 -15.52 -21.41 -50.20
CA THR D 63 -15.17 -20.05 -49.76
C THR D 63 -14.57 -19.20 -50.89
N TRP D 64 -14.25 -17.94 -50.58
CA TRP D 64 -13.53 -17.01 -51.49
C TRP D 64 -12.15 -17.50 -51.94
N GLU D 65 -11.49 -18.30 -51.09
CA GLU D 65 -10.20 -18.93 -51.39
C GLU D 65 -10.18 -19.70 -52.69
N HIS D 66 -11.32 -20.31 -53.01
CA HIS D 66 -11.44 -21.09 -54.25
C HIS D 66 -11.66 -20.25 -55.50
N ALA D 67 -12.12 -19.00 -55.37
CA ALA D 67 -12.42 -18.18 -56.55
C ALA D 67 -11.18 -17.96 -57.42
N GLY D 68 -11.33 -18.06 -58.73
CA GLY D 68 -10.23 -17.82 -59.65
C GLY D 68 -10.38 -18.46 -61.03
N ARG D 69 -9.39 -18.21 -61.87
CA ARG D 69 -9.28 -18.83 -63.20
C ARG D 69 -8.48 -20.11 -63.11
N TYR D 70 -9.09 -21.21 -63.54
CA TYR D 70 -8.47 -22.55 -63.47
C TYR D 70 -8.26 -23.14 -64.87
N ARG D 71 -7.17 -23.88 -65.02
CA ARG D 71 -6.85 -24.67 -66.22
C ARG D 71 -6.54 -26.12 -65.81
N CYS D 72 -6.46 -27.02 -66.79
CA CYS D 72 -6.23 -28.45 -66.54
C CYS D 72 -5.37 -29.09 -67.64
N TYR D 73 -4.31 -29.80 -67.26
CA TYR D 73 -3.46 -30.57 -68.22
C TYR D 73 -2.89 -31.86 -67.63
N TYR D 74 -2.32 -32.69 -68.50
CA TYR D 74 -1.58 -33.90 -68.11
C TYR D 74 -0.75 -34.43 -69.28
N SER D 82 -0.27 -32.97 -72.50
CA SER D 82 -1.25 -32.27 -73.33
C SER D 82 -1.20 -30.76 -73.15
N GLU D 83 -1.75 -30.02 -74.12
CA GLU D 83 -1.97 -28.57 -73.98
C GLU D 83 -3.11 -28.30 -72.99
N SER D 84 -2.96 -27.23 -72.20
CA SER D 84 -3.87 -26.93 -71.10
C SER D 84 -5.28 -26.54 -71.60
N SER D 85 -6.29 -26.92 -70.82
CA SER D 85 -7.71 -26.75 -71.21
C SER D 85 -8.14 -25.30 -71.28
N ASP D 86 -9.36 -25.07 -71.77
CA ASP D 86 -9.96 -23.73 -71.75
C ASP D 86 -10.18 -23.30 -70.29
N PRO D 87 -10.10 -21.97 -70.01
CA PRO D 87 -10.30 -21.49 -68.64
C PRO D 87 -11.71 -21.75 -68.12
N LEU D 88 -11.76 -22.16 -66.85
CA LEU D 88 -13.00 -22.20 -66.09
C LEU D 88 -12.90 -21.10 -65.05
N GLU D 89 -13.80 -20.12 -65.14
CA GLU D 89 -13.83 -19.05 -64.17
C GLU D 89 -14.76 -19.44 -63.02
N LEU D 90 -14.16 -19.88 -61.91
CA LEU D 90 -14.91 -20.27 -60.70
C LEU D 90 -15.26 -19.03 -59.86
N VAL D 91 -16.54 -18.67 -59.88
CA VAL D 91 -17.05 -17.50 -59.17
C VAL D 91 -17.73 -17.92 -57.88
N VAL D 92 -17.42 -17.21 -56.80
CA VAL D 92 -18.09 -17.40 -55.51
C VAL D 92 -18.98 -16.19 -55.22
N THR D 93 -20.27 -16.43 -54.96
CA THR D 93 -21.23 -15.36 -54.65
C THR D 93 -21.60 -15.40 -53.18
N GLY D 94 -22.21 -14.31 -52.72
CA GLY D 94 -22.69 -14.20 -51.36
C GLY D 94 -21.68 -13.65 -50.38
N ALA D 95 -20.55 -13.17 -50.87
CA ALA D 95 -19.51 -12.67 -49.99
C ALA D 95 -19.99 -11.39 -49.28
N TYR D 96 -20.64 -10.52 -50.03
CA TYR D 96 -21.07 -9.22 -49.51
C TYR D 96 -22.57 -9.11 -49.45
N ILE D 97 -23.02 -8.10 -48.72
CA ILE D 97 -24.45 -7.76 -48.68
C ILE D 97 -24.92 -7.42 -50.09
N LYS D 98 -26.21 -7.67 -50.31
CA LYS D 98 -26.80 -7.58 -51.64
C LYS D 98 -27.04 -6.14 -52.04
N PRO D 99 -27.06 -5.88 -53.36
CA PRO D 99 -27.53 -4.62 -53.91
C PRO D 99 -29.05 -4.58 -54.07
N THR D 100 -29.57 -3.46 -54.57
CA THR D 100 -30.98 -3.30 -54.87
C THR D 100 -31.13 -3.09 -56.38
N LEU D 101 -32.02 -3.87 -57.00
CA LEU D 101 -32.32 -3.76 -58.42
C LEU D 101 -33.68 -3.13 -58.62
N SER D 102 -33.77 -2.08 -59.42
CA SER D 102 -35.05 -1.41 -59.72
C SER D 102 -35.23 -1.06 -61.20
N ALA D 103 -36.49 -0.91 -61.60
CA ALA D 103 -36.85 -0.63 -62.96
C ALA D 103 -37.22 0.84 -63.08
N GLN D 104 -36.72 1.49 -64.12
CA GLN D 104 -36.79 2.93 -64.25
C GLN D 104 -37.35 3.28 -65.64
N PRO D 105 -38.42 4.08 -65.73
CA PRO D 105 -39.16 4.63 -64.58
C PRO D 105 -40.05 3.61 -63.84
N SER D 106 -40.37 2.49 -64.49
CA SER D 106 -41.32 1.53 -63.94
C SER D 106 -41.05 0.09 -64.35
N PRO D 107 -41.31 -0.87 -63.44
CA PRO D 107 -41.28 -2.27 -63.83
C PRO D 107 -42.45 -2.74 -64.68
N VAL D 108 -43.49 -1.91 -64.86
CA VAL D 108 -44.56 -2.22 -65.80
C VAL D 108 -44.25 -1.54 -67.15
N VAL D 109 -44.28 -2.32 -68.22
CA VAL D 109 -43.89 -1.86 -69.55
C VAL D 109 -44.78 -2.42 -70.65
N ASN D 110 -45.04 -1.60 -71.66
CA ASN D 110 -45.87 -2.00 -72.78
C ASN D 110 -45.06 -2.97 -73.64
N SER D 111 -45.74 -3.98 -74.17
CA SER D 111 -45.15 -4.92 -75.13
C SER D 111 -44.37 -4.17 -76.22
N GLY D 112 -43.20 -4.70 -76.57
CA GLY D 112 -42.29 -4.06 -77.54
C GLY D 112 -41.45 -2.95 -76.94
N GLY D 113 -41.67 -2.62 -75.67
CA GLY D 113 -40.99 -1.51 -75.03
C GLY D 113 -39.66 -1.95 -74.45
N ASN D 114 -38.80 -0.95 -74.19
CA ASN D 114 -37.56 -1.12 -73.46
C ASN D 114 -37.71 -0.51 -72.08
N VAL D 115 -36.87 -0.97 -71.15
CA VAL D 115 -36.81 -0.39 -69.83
C VAL D 115 -35.38 -0.39 -69.31
N THR D 116 -35.08 0.59 -68.47
CA THR D 116 -33.79 0.73 -67.82
C THR D 116 -33.82 0.03 -66.46
N LEU D 117 -32.85 -0.85 -66.23
CA LEU D 117 -32.67 -1.52 -64.95
C LEU D 117 -31.50 -0.91 -64.21
N GLN D 118 -31.69 -0.67 -62.91
CA GLN D 118 -30.76 0.08 -62.09
C GLN D 118 -30.34 -0.80 -60.91
N CYS D 119 -29.04 -1.06 -60.81
CA CYS D 119 -28.48 -1.86 -59.75
C CYS D 119 -27.67 -0.93 -58.84
N ASP D 120 -28.19 -0.67 -57.63
CA ASP D 120 -27.53 0.16 -56.60
C ASP D 120 -26.94 -0.72 -55.51
N SER D 121 -25.65 -0.54 -55.27
CA SER D 121 -24.98 -1.16 -54.14
C SER D 121 -24.73 -0.08 -53.11
N GLN D 122 -25.10 -0.34 -51.86
CA GLN D 122 -24.73 0.56 -50.77
C GLN D 122 -23.24 0.42 -50.40
N VAL D 123 -22.57 -0.62 -50.91
CA VAL D 123 -21.13 -0.83 -50.72
C VAL D 123 -20.37 -0.37 -51.97
N ALA D 124 -19.24 0.28 -51.77
CA ALA D 124 -18.46 0.82 -52.88
C ALA D 124 -17.90 -0.32 -53.74
N PHE D 125 -18.44 -0.43 -54.95
CA PHE D 125 -17.98 -1.40 -55.91
C PHE D 125 -18.00 -0.74 -57.27
N ASP D 126 -17.08 -1.20 -58.13
CA ASP D 126 -16.99 -0.70 -59.49
C ASP D 126 -17.42 -1.73 -60.55
N GLY D 127 -17.84 -2.91 -60.10
CA GLY D 127 -18.24 -3.99 -61.02
C GLY D 127 -19.69 -4.37 -60.81
N PHE D 128 -20.46 -4.50 -61.90
CA PHE D 128 -21.88 -4.88 -61.79
C PHE D 128 -22.28 -5.93 -62.82
N ILE D 129 -23.01 -6.92 -62.34
CA ILE D 129 -23.45 -8.06 -63.16
C ILE D 129 -24.97 -8.13 -63.11
N LEU D 130 -25.61 -8.09 -64.27
CA LEU D 130 -27.06 -8.29 -64.39
C LEU D 130 -27.33 -9.68 -64.95
N CYS D 131 -28.12 -10.48 -64.24
CA CYS D 131 -28.43 -11.85 -64.66
C CYS D 131 -29.92 -12.05 -64.90
N LYS D 132 -30.27 -12.58 -66.06
CA LYS D 132 -31.66 -12.91 -66.38
C LYS D 132 -31.95 -14.37 -66.01
N GLU D 133 -33.03 -14.61 -65.28
CA GLU D 133 -33.41 -15.96 -64.80
C GLU D 133 -34.62 -16.53 -65.56
N GLY D 134 -34.68 -17.87 -65.60
CA GLY D 134 -35.75 -18.58 -66.31
C GLY D 134 -35.50 -18.63 -67.81
N PRO D 139 -28.81 -19.17 -66.40
CA PRO D 139 -28.91 -17.72 -66.42
C PRO D 139 -27.91 -17.05 -67.38
N GLN D 140 -28.37 -16.06 -68.16
CA GLN D 140 -27.51 -15.28 -69.08
C GLN D 140 -27.23 -13.91 -68.46
N CYS D 141 -25.95 -13.64 -68.17
CA CYS D 141 -25.56 -12.43 -67.43
C CYS D 141 -24.76 -11.41 -68.27
N LEU D 142 -24.98 -10.14 -67.96
CA LEU D 142 -24.33 -9.01 -68.62
C LEU D 142 -23.48 -8.27 -67.58
N ASN D 143 -22.29 -7.85 -67.99
CA ASN D 143 -21.35 -7.15 -67.12
C ASN D 143 -21.37 -5.66 -67.42
N SER D 144 -21.10 -4.84 -66.40
CA SER D 144 -21.09 -3.38 -66.57
C SER D 144 -20.26 -2.63 -65.52
N GLN D 145 -19.81 -1.44 -65.91
CA GLN D 145 -19.14 -0.49 -65.02
C GLN D 145 -20.20 0.44 -64.41
N PRO D 146 -19.81 1.29 -63.44
CA PRO D 146 -20.79 2.23 -62.88
C PRO D 146 -21.22 3.30 -63.90
N HIS D 147 -22.41 3.87 -63.69
CA HIS D 147 -22.96 4.90 -64.60
C HIS D 147 -22.21 6.25 -64.54
N ALA D 148 -21.53 6.55 -63.43
CA ALA D 148 -20.73 7.77 -63.26
C ALA D 148 -19.44 7.52 -62.48
N ARG D 149 -18.56 8.52 -62.51
CA ARG D 149 -17.24 8.43 -61.92
C ARG D 149 -17.17 7.46 -60.75
N GLY D 150 -17.73 7.86 -59.61
CA GLY D 150 -17.63 7.03 -58.40
C GLY D 150 -18.97 6.79 -57.74
N SER D 151 -19.93 6.29 -58.53
CA SER D 151 -21.34 6.20 -58.13
C SER D 151 -21.79 4.95 -57.37
N SER D 152 -21.14 3.81 -57.63
CA SER D 152 -21.62 2.48 -57.15
C SER D 152 -23.07 2.16 -57.58
N ARG D 153 -23.34 2.41 -58.85
CA ARG D 153 -24.63 2.19 -59.46
C ARG D 153 -24.44 1.93 -60.95
N ALA D 154 -24.97 0.80 -61.43
CA ALA D 154 -24.97 0.48 -62.86
C ALA D 154 -26.37 0.61 -63.46
N ILE D 155 -26.43 1.03 -64.71
CA ILE D 155 -27.66 1.14 -65.50
C ILE D 155 -27.56 0.15 -66.66
N PHE D 156 -28.63 -0.60 -66.88
CA PHE D 156 -28.73 -1.54 -67.98
C PHE D 156 -29.99 -1.26 -68.77
N SER D 157 -29.96 -1.58 -70.07
CA SER D 157 -31.11 -1.52 -70.96
C SER D 157 -31.49 -2.92 -71.39
N VAL D 158 -32.77 -3.26 -71.25
CA VAL D 158 -33.29 -4.56 -71.69
C VAL D 158 -34.48 -4.38 -72.62
N GLY D 159 -34.64 -5.34 -73.53
CA GLY D 159 -35.77 -5.46 -74.43
C GLY D 159 -35.38 -5.40 -75.91
N PRO D 160 -36.35 -5.31 -76.83
CA PRO D 160 -37.79 -5.20 -76.50
C PRO D 160 -38.34 -6.42 -75.78
N VAL D 161 -39.27 -6.17 -74.86
CA VAL D 161 -39.90 -7.20 -74.04
C VAL D 161 -41.18 -7.68 -74.69
N SER D 162 -41.73 -8.78 -74.16
CA SER D 162 -42.85 -9.51 -74.73
C SER D 162 -43.66 -10.17 -73.61
N PRO D 163 -45.01 -10.14 -73.72
CA PRO D 163 -45.83 -10.82 -72.71
C PRO D 163 -45.75 -12.35 -72.77
N SER D 164 -45.40 -12.91 -73.93
CA SER D 164 -45.25 -14.36 -74.11
C SER D 164 -44.09 -15.00 -73.31
N ARG D 165 -43.00 -14.25 -73.14
CA ARG D 165 -41.84 -14.68 -72.32
C ARG D 165 -41.82 -13.97 -70.96
N ARG D 166 -41.08 -14.52 -70.00
CA ARG D 166 -40.88 -13.87 -68.69
C ARG D 166 -39.56 -13.09 -68.67
N TRP D 167 -39.58 -11.95 -67.98
CA TRP D 167 -38.43 -11.04 -67.93
C TRP D 167 -38.11 -10.75 -66.47
N TRP D 168 -37.35 -11.70 -65.90
CA TRP D 168 -37.01 -11.75 -64.48
C TRP D 168 -35.49 -11.57 -64.35
N TYR D 169 -35.07 -10.71 -63.41
CA TYR D 169 -33.66 -10.34 -63.28
C TYR D 169 -33.14 -10.32 -61.85
N ARG D 170 -31.84 -10.54 -61.70
CA ARG D 170 -31.14 -10.20 -60.45
C ARG D 170 -29.85 -9.49 -60.82
N CYS D 171 -29.26 -8.76 -59.89
CA CYS D 171 -27.93 -8.20 -60.10
C CYS D 171 -26.95 -8.47 -58.97
N TYR D 172 -25.66 -8.51 -59.34
CA TYR D 172 -24.57 -8.69 -58.38
C TYR D 172 -23.66 -7.47 -58.45
N ALA D 173 -22.93 -7.24 -57.36
CA ALA D 173 -21.90 -6.23 -57.32
C ALA D 173 -20.56 -6.89 -56.96
N TYR D 174 -19.48 -6.36 -57.50
CA TYR D 174 -18.14 -6.88 -57.20
C TYR D 174 -17.05 -5.81 -57.34
N ASP D 175 -15.89 -6.10 -56.77
CA ASP D 175 -14.67 -5.31 -56.98
C ASP D 175 -13.90 -5.84 -58.20
N SER D 176 -13.51 -4.96 -59.13
CA SER D 176 -12.81 -5.40 -60.36
C SER D 176 -11.40 -5.94 -60.09
N ASN D 177 -10.82 -5.62 -58.94
CA ASN D 177 -9.56 -6.22 -58.49
C ASN D 177 -9.68 -7.69 -58.05
N SER D 178 -10.85 -8.08 -57.57
CA SER D 178 -11.13 -9.51 -57.28
C SER D 178 -12.43 -9.91 -57.97
N PRO D 179 -12.39 -10.04 -59.31
CA PRO D 179 -13.62 -10.18 -60.10
C PRO D 179 -14.38 -11.49 -59.97
N TYR D 180 -13.83 -12.45 -59.24
CA TYR D 180 -14.48 -13.75 -59.05
C TYR D 180 -15.20 -13.89 -57.73
N GLU D 181 -15.15 -12.85 -56.88
CA GLU D 181 -15.90 -12.82 -55.64
C GLU D 181 -17.03 -11.81 -55.78
N TRP D 182 -18.26 -12.29 -55.83
CA TRP D 182 -19.42 -11.44 -56.04
C TRP D 182 -20.24 -11.30 -54.76
N SER D 183 -21.05 -10.25 -54.71
CA SER D 183 -21.99 -10.03 -53.63
C SER D 183 -23.12 -11.05 -53.68
N LEU D 184 -23.89 -11.11 -52.60
CA LEU D 184 -25.23 -11.72 -52.64
C LEU D 184 -26.00 -11.09 -53.81
N PRO D 185 -26.87 -11.86 -54.46
CA PRO D 185 -27.69 -11.24 -55.51
C PRO D 185 -28.77 -10.36 -54.90
N SER D 186 -29.21 -9.35 -55.67
CA SER D 186 -30.41 -8.59 -55.31
C SER D 186 -31.63 -9.50 -55.27
N ASP D 187 -32.73 -9.00 -54.74
CA ASP D 187 -34.00 -9.71 -54.86
C ASP D 187 -34.35 -9.81 -56.34
N LEU D 188 -35.25 -10.73 -56.66
CA LEU D 188 -35.73 -10.87 -58.01
C LEU D 188 -36.54 -9.65 -58.43
N LEU D 189 -36.21 -9.10 -59.60
CA LEU D 189 -37.00 -8.07 -60.23
C LEU D 189 -37.78 -8.68 -61.40
N GLU D 190 -39.10 -8.61 -61.34
CA GLU D 190 -39.93 -9.08 -62.45
C GLU D 190 -40.49 -7.89 -63.21
N LEU D 191 -40.28 -7.86 -64.53
CA LEU D 191 -41.03 -6.93 -65.39
C LEU D 191 -42.45 -7.46 -65.58
N LEU D 192 -43.41 -6.55 -65.54
CA LEU D 192 -44.79 -6.85 -65.85
C LEU D 192 -45.03 -6.27 -67.23
N VAL D 193 -45.23 -7.14 -68.22
CA VAL D 193 -45.37 -6.74 -69.61
C VAL D 193 -46.85 -6.76 -69.99
N LEU D 194 -47.39 -5.58 -70.32
CA LEU D 194 -48.83 -5.45 -70.62
C LEU D 194 -49.10 -5.94 -72.05
N GLY D 195 -49.90 -7.01 -72.15
CA GLY D 195 -50.34 -7.56 -73.43
C GLY D 195 -50.96 -6.50 -74.31
N GLY E 1 32.44 20.74 48.92
CA GLY E 1 31.38 20.79 47.87
C GLY E 1 30.12 21.49 48.36
N SER E 2 28.98 21.08 47.82
CA SER E 2 27.69 21.67 48.16
C SER E 2 27.03 20.86 49.27
N HIS E 3 26.19 21.51 50.07
CA HIS E 3 25.50 20.83 51.16
C HIS E 3 24.09 21.34 51.32
N SER E 4 23.29 20.58 52.07
CA SER E 4 21.90 20.94 52.30
C SER E 4 21.42 20.51 53.67
N MET E 5 20.53 21.31 54.25
CA MET E 5 19.80 20.94 55.47
C MET E 5 18.33 20.88 55.10
N ARG E 6 17.65 19.82 55.51
CA ARG E 6 16.28 19.60 55.13
C ARG E 6 15.50 19.03 56.29
N TYR E 7 14.36 19.61 56.60
CA TYR E 7 13.43 19.05 57.58
C TYR E 7 12.20 18.48 56.88
N PHE E 8 11.73 17.31 57.36
CA PHE E 8 10.59 16.60 56.78
C PHE E 8 9.56 16.34 57.90
N PHE E 9 8.29 16.65 57.63
CA PHE E 9 7.24 16.55 58.61
C PHE E 9 6.07 15.81 58.02
N THR E 10 5.55 14.82 58.75
CA THR E 10 4.38 14.05 58.34
C THR E 10 3.34 14.10 59.46
N SER E 11 2.11 14.45 59.12
CA SER E 11 0.98 14.30 60.04
C SER E 11 -0.13 13.48 59.41
N VAL E 12 -0.63 12.49 60.14
CA VAL E 12 -1.68 11.62 59.64
C VAL E 12 -2.80 11.48 60.66
N SER E 13 -4.01 11.81 60.22
CA SER E 13 -5.19 11.73 61.08
C SER E 13 -5.51 10.27 61.33
N ARG E 14 -5.77 9.94 62.61
CA ARG E 14 -6.14 8.60 63.03
C ARG E 14 -7.56 8.65 63.61
N PRO E 15 -8.59 8.34 62.78
CA PRO E 15 -9.99 8.36 63.24
C PRO E 15 -10.21 7.41 64.41
N GLY E 16 -10.85 7.91 65.47
CA GLY E 16 -11.12 7.10 66.65
C GLY E 16 -9.93 6.87 67.56
N ARG E 17 -8.74 6.72 66.96
CA ARG E 17 -7.53 6.38 67.72
C ARG E 17 -6.75 7.59 68.23
N GLY E 18 -7.46 8.56 68.79
CA GLY E 18 -6.84 9.70 69.46
C GLY E 18 -6.16 10.67 68.52
N GLU E 19 -5.19 11.41 69.05
CA GLU E 19 -4.52 12.49 68.31
C GLU E 19 -3.75 12.00 67.07
N PRO E 20 -3.66 12.83 66.03
CA PRO E 20 -2.98 12.41 64.80
C PRO E 20 -1.48 12.22 65.04
N ARG E 21 -0.89 11.28 64.31
CA ARG E 21 0.52 11.01 64.45
C ARG E 21 1.33 12.11 63.78
N PHE E 22 2.37 12.56 64.46
CA PHE E 22 3.28 13.56 63.92
C PHE E 22 4.71 13.05 64.03
N ILE E 23 5.40 12.99 62.89
CA ILE E 23 6.80 12.60 62.84
C ILE E 23 7.58 13.70 62.13
N ALA E 24 8.71 14.08 62.71
CA ALA E 24 9.59 15.11 62.17
C ALA E 24 11.00 14.56 62.15
N VAL E 25 11.75 14.92 61.12
CA VAL E 25 13.07 14.40 60.87
C VAL E 25 13.86 15.47 60.15
N GLY E 26 15.07 15.74 60.64
CA GLY E 26 15.99 16.69 60.01
C GLY E 26 17.21 15.97 59.46
N TYR E 27 17.73 16.48 58.35
CA TYR E 27 18.85 15.86 57.67
C TYR E 27 19.88 16.93 57.36
N VAL E 28 21.16 16.56 57.42
CA VAL E 28 22.21 17.31 56.73
C VAL E 28 22.71 16.37 55.63
N ASP E 29 22.60 16.82 54.38
CA ASP E 29 22.78 15.95 53.22
C ASP E 29 21.99 14.63 53.43
N ASP E 30 22.64 13.47 53.27
CA ASP E 30 21.99 12.17 53.43
C ASP E 30 22.04 11.60 54.86
N THR E 31 22.41 12.42 55.86
CA THR E 31 22.56 11.99 57.25
C THR E 31 21.48 12.63 58.12
N GLN E 32 20.60 11.81 58.67
CA GLN E 32 19.64 12.26 59.66
C GLN E 32 20.34 12.68 60.96
N PHE E 33 19.95 13.82 61.53
CA PHE E 33 20.56 14.33 62.77
C PHE E 33 19.59 14.56 63.92
N VAL E 34 18.30 14.75 63.66
CA VAL E 34 17.31 14.86 64.73
C VAL E 34 16.03 14.18 64.36
N ARG E 35 15.22 13.89 65.36
CA ARG E 35 13.86 13.42 65.13
C ARG E 35 12.89 13.84 66.23
N PHE E 36 11.61 13.81 65.89
CA PHE E 36 10.54 13.89 66.87
C PHE E 36 9.50 12.84 66.46
N ASP E 37 8.87 12.22 67.45
CA ASP E 37 7.80 11.27 67.21
C ASP E 37 6.75 11.47 68.28
N SER E 38 5.55 11.86 67.87
CA SER E 38 4.46 12.17 68.81
C SER E 38 4.11 10.98 69.70
N ASP E 39 4.38 9.77 69.22
CA ASP E 39 4.08 8.53 69.97
C ASP E 39 5.19 8.04 70.90
N ALA E 40 6.44 8.48 70.72
CA ALA E 40 7.50 8.17 71.68
C ALA E 40 7.23 8.87 73.02
N ALA E 41 7.67 8.24 74.11
CA ALA E 41 7.43 8.76 75.46
C ALA E 41 8.25 10.02 75.77
N SER E 42 9.39 10.17 75.09
CA SER E 42 10.29 11.31 75.26
C SER E 42 9.59 12.68 75.16
N GLN E 43 8.83 12.88 74.08
CA GLN E 43 8.16 14.15 73.77
C GLN E 43 9.12 15.33 73.61
N ARG E 44 10.35 15.04 73.19
CA ARG E 44 11.34 16.09 72.95
C ARG E 44 12.22 15.76 71.75
N MET E 45 12.55 16.76 70.94
CA MET E 45 13.40 16.54 69.78
C MET E 45 14.58 15.72 70.25
N GLU E 46 14.87 14.62 69.54
CA GLU E 46 15.92 13.67 69.94
C GLU E 46 17.08 13.68 68.96
N PRO E 47 18.34 13.62 69.46
CA PRO E 47 19.50 13.52 68.57
C PRO E 47 19.57 12.15 67.87
N ARG E 48 20.03 12.15 66.62
CA ARG E 48 20.25 10.91 65.87
C ARG E 48 21.62 10.92 65.15
N ALA E 49 22.55 11.72 65.67
CA ALA E 49 23.91 11.75 65.17
C ALA E 49 24.80 12.21 66.31
N PRO E 50 26.07 11.74 66.37
CA PRO E 50 26.94 12.12 67.52
C PRO E 50 27.19 13.64 67.63
N TRP E 51 27.34 14.30 66.48
CA TRP E 51 27.77 15.70 66.44
C TRP E 51 26.72 16.71 66.90
N ILE E 52 25.44 16.32 66.92
CA ILE E 52 24.40 17.17 67.46
C ILE E 52 24.28 16.94 68.97
N GLU E 53 24.78 15.81 69.49
CA GLU E 53 24.75 15.52 70.95
C GLU E 53 25.47 16.56 71.79
N GLN E 54 26.51 17.18 71.24
CA GLN E 54 27.24 18.26 71.92
C GLN E 54 26.45 19.58 72.18
N GLU E 55 25.19 19.68 71.72
CA GLU E 55 24.36 20.86 71.95
C GLU E 55 23.72 20.79 73.34
N GLY E 56 23.70 21.94 74.03
CA GLY E 56 23.26 22.00 75.43
C GLY E 56 21.74 22.03 75.62
N PRO E 57 21.28 22.11 76.89
CA PRO E 57 19.84 22.05 77.22
C PRO E 57 19.00 23.18 76.63
N GLU E 58 19.60 24.33 76.35
CA GLU E 58 18.89 25.43 75.70
C GLU E 58 18.40 25.00 74.32
N TYR E 59 19.34 24.57 73.47
CA TYR E 59 19.02 24.07 72.12
C TYR E 59 17.87 23.05 72.08
N TRP E 60 17.94 22.04 72.94
CA TRP E 60 16.93 20.97 72.95
C TRP E 60 15.55 21.44 73.43
N ASP E 61 15.49 22.36 74.40
CA ASP E 61 14.19 22.93 74.83
C ASP E 61 13.56 23.72 73.68
N GLY E 62 14.38 24.42 72.89
CA GLY E 62 13.92 25.24 71.78
C GLY E 62 13.41 24.44 70.60
N GLU E 63 14.23 23.48 70.15
CA GLU E 63 13.83 22.58 69.08
C GLU E 63 12.62 21.74 69.47
N THR E 64 12.53 21.41 70.76
CA THR E 64 11.36 20.73 71.30
C THR E 64 10.12 21.62 71.26
N ARG E 65 10.25 22.85 71.75
CA ARG E 65 9.14 23.79 71.77
C ARG E 65 8.67 24.08 70.35
N LYS E 66 9.62 24.32 69.45
CA LYS E 66 9.31 24.60 68.04
C LYS E 66 8.65 23.43 67.30
N VAL E 67 9.11 22.20 67.53
CA VAL E 67 8.48 21.05 66.86
C VAL E 67 7.04 20.83 67.35
N LYS E 68 6.79 21.08 68.64
CA LYS E 68 5.41 21.03 69.18
C LYS E 68 4.52 22.07 68.52
N ALA E 69 5.06 23.25 68.27
CA ALA E 69 4.34 24.28 67.51
C ALA E 69 4.04 23.77 66.08
N HIS E 70 5.05 23.17 65.43
CA HIS E 70 4.84 22.55 64.09
C HIS E 70 3.75 21.47 64.17
N SER E 71 3.80 20.65 65.21
CA SER E 71 2.81 19.59 65.43
C SER E 71 1.39 20.15 65.56
N GLN E 72 1.24 21.15 66.41
CA GLN E 72 -0.05 21.80 66.65
C GLN E 72 -0.70 22.39 65.39
N THR E 73 0.04 23.14 64.58
CA THR E 73 -0.52 23.73 63.35
C THR E 73 -0.89 22.68 62.31
N HIS E 74 -0.13 21.58 62.25
CA HIS E 74 -0.48 20.45 61.37
C HIS E 74 -1.73 19.74 61.83
N ARG E 75 -1.91 19.64 63.14
CA ARG E 75 -3.12 19.10 63.74
C ARG E 75 -4.37 19.88 63.28
N VAL E 76 -4.29 21.22 63.27
CA VAL E 76 -5.44 22.03 62.79
C VAL E 76 -5.53 22.07 61.26
N ASP E 77 -4.38 22.09 60.57
CA ASP E 77 -4.33 22.04 59.10
C ASP E 77 -5.22 20.93 58.56
N LEU E 78 -5.16 19.76 59.21
CA LEU E 78 -5.99 18.62 58.85
C LEU E 78 -7.48 18.95 58.86
N GLY E 79 -7.94 19.70 59.87
CA GLY E 79 -9.32 20.18 59.93
C GLY E 79 -9.61 21.18 58.83
N THR E 80 -8.74 22.18 58.73
CA THR E 80 -8.86 23.19 57.69
C THR E 80 -8.97 22.59 56.29
N LEU E 81 -8.11 21.60 55.99
CA LEU E 81 -8.09 20.96 54.67
C LEU E 81 -9.35 20.15 54.40
N ARG E 82 -9.80 19.37 55.39
CA ARG E 82 -11.12 18.69 55.31
C ARG E 82 -12.22 19.67 54.87
N GLY E 83 -12.16 20.89 55.42
CA GLY E 83 -13.04 22.00 55.03
C GLY E 83 -12.87 22.46 53.59
N TYR E 84 -11.64 22.81 53.22
CA TYR E 84 -11.37 23.28 51.85
C TYR E 84 -11.78 22.29 50.75
N TYR E 85 -11.65 20.99 51.03
CA TYR E 85 -12.02 19.94 50.06
C TYR E 85 -13.42 19.33 50.29
N ASN E 86 -14.14 19.77 51.32
CA ASN E 86 -15.49 19.29 51.68
C ASN E 86 -15.48 17.80 51.91
N GLN E 87 -14.74 17.40 52.94
CA GLN E 87 -14.52 16.00 53.24
C GLN E 87 -15.14 15.65 54.58
N SER E 88 -16.00 14.63 54.56
CA SER E 88 -16.63 14.07 55.75
C SER E 88 -16.79 12.55 55.57
N GLU E 89 -16.39 11.74 56.55
CA GLU E 89 -15.26 12.00 57.44
C GLU E 89 -14.52 10.69 57.79
N ALA E 90 -14.85 9.61 57.07
CA ALA E 90 -14.10 8.34 57.09
C ALA E 90 -12.67 8.71 56.73
N GLY E 91 -11.91 9.06 57.76
CA GLY E 91 -10.75 9.94 57.61
C GLY E 91 -9.49 9.29 57.08
N SER E 92 -8.45 9.37 57.89
CA SER E 92 -7.08 9.07 57.47
C SER E 92 -6.68 9.91 56.26
N HIS E 93 -6.16 11.09 56.57
CA HIS E 93 -5.62 11.99 55.58
C HIS E 93 -4.21 12.32 56.02
N THR E 94 -3.44 12.87 55.09
CA THR E 94 -2.03 13.10 55.33
C THR E 94 -1.65 14.49 54.89
N VAL E 95 -0.93 15.21 55.75
CA VAL E 95 -0.20 16.40 55.31
C VAL E 95 1.29 16.14 55.44
N GLN E 96 2.05 16.62 54.46
CA GLN E 96 3.50 16.57 54.47
C GLN E 96 4.04 17.95 54.21
N ARG E 97 5.10 18.28 54.93
CA ARG E 97 5.81 19.52 54.77
C ARG E 97 7.28 19.18 54.72
N MET E 98 7.99 19.89 53.84
CA MET E 98 9.41 19.72 53.69
C MET E 98 9.98 21.10 53.43
N TYR E 99 10.98 21.48 54.21
CA TYR E 99 11.68 22.74 53.98
C TYR E 99 13.16 22.65 54.30
N GLY E 100 13.92 23.59 53.74
CA GLY E 100 15.36 23.59 53.91
C GLY E 100 16.10 24.56 53.01
N CYS E 101 17.42 24.46 53.09
CA CYS E 101 18.33 25.34 52.35
C CYS E 101 19.52 24.58 51.79
N ASP E 102 20.01 25.04 50.64
CA ASP E 102 21.24 24.54 50.03
C ASP E 102 22.34 25.57 50.16
N VAL E 103 23.58 25.10 50.14
CA VAL E 103 24.76 25.96 49.97
C VAL E 103 25.62 25.37 48.87
N GLY E 104 26.42 26.23 48.23
CA GLY E 104 27.27 25.82 47.12
C GLY E 104 28.65 25.47 47.63
N SER E 105 29.61 25.38 46.70
CA SER E 105 31.04 25.22 47.01
C SER E 105 31.53 26.19 48.09
N ASP E 106 31.18 27.47 47.91
CA ASP E 106 31.56 28.55 48.83
C ASP E 106 30.90 28.56 50.23
N TRP E 107 29.95 27.65 50.47
CA TRP E 107 29.19 27.57 51.73
C TRP E 107 28.23 28.75 52.01
N ARG E 108 27.97 29.55 50.96
CA ARG E 108 27.02 30.65 51.00
C ARG E 108 25.70 30.16 50.42
N PHE E 109 24.61 30.84 50.76
CA PHE E 109 23.28 30.50 50.28
C PHE E 109 23.27 30.18 48.78
N LEU E 110 22.66 29.06 48.44
CA LEU E 110 22.48 28.64 47.05
C LEU E 110 21.00 28.68 46.67
N ARG E 111 20.15 27.97 47.42
CA ARG E 111 18.69 28.06 47.27
C ARG E 111 17.93 27.60 48.50
N GLY E 112 16.66 28.02 48.57
CA GLY E 112 15.76 27.66 49.66
C GLY E 112 14.52 27.04 49.08
N TYR E 113 13.80 26.28 49.91
CA TYR E 113 12.55 25.65 49.47
C TYR E 113 11.67 25.36 50.66
N HIS E 114 10.37 25.45 50.43
CA HIS E 114 9.38 25.11 51.40
C HIS E 114 8.20 24.59 50.61
N GLN E 115 7.90 23.32 50.79
CA GLN E 115 6.87 22.66 50.03
C GLN E 115 5.90 21.96 50.96
N TYR E 116 4.65 21.84 50.51
CA TYR E 116 3.56 21.32 51.32
C TYR E 116 2.65 20.42 50.46
N ALA E 117 2.24 19.27 51.02
CA ALA E 117 1.38 18.31 50.29
C ALA E 117 0.17 17.88 51.13
N TYR E 118 -0.90 17.51 50.43
CA TYR E 118 -2.09 17.01 51.06
C TYR E 118 -2.46 15.70 50.38
N ASP E 119 -2.52 14.64 51.19
CA ASP E 119 -2.76 13.27 50.69
C ASP E 119 -1.81 12.84 49.59
N GLY E 120 -0.53 13.20 49.75
CA GLY E 120 0.53 12.80 48.82
C GLY E 120 0.59 13.52 47.49
N LYS E 121 -0.18 14.60 47.37
CA LYS E 121 -0.19 15.43 46.18
C LYS E 121 0.19 16.87 46.54
N ASP E 122 0.84 17.55 45.61
CA ASP E 122 1.30 18.92 45.83
C ASP E 122 0.15 19.81 46.23
N TYR E 123 0.42 20.74 47.15
CA TYR E 123 -0.60 21.65 47.62
C TYR E 123 -0.14 23.09 47.45
N ILE E 124 0.86 23.50 48.22
CA ILE E 124 1.41 24.83 48.08
C ILE E 124 2.92 24.75 48.22
N ALA E 125 3.60 25.51 47.39
CA ALA E 125 5.05 25.53 47.38
C ALA E 125 5.48 26.98 47.30
N LEU E 126 6.54 27.30 48.04
CA LEU E 126 7.24 28.55 47.86
C LEU E 126 7.98 28.45 46.55
N LYS E 127 7.86 29.49 45.73
CA LYS E 127 8.54 29.60 44.44
C LYS E 127 10.05 29.88 44.68
N GLU E 128 10.84 29.77 43.63
CA GLU E 128 12.31 29.89 43.73
C GLU E 128 12.78 31.26 44.21
N ASP E 129 12.08 32.34 43.84
CA ASP E 129 12.44 33.69 44.31
C ASP E 129 12.26 33.92 45.83
N LEU E 130 11.67 32.95 46.54
CA LEU E 130 11.34 33.06 47.97
C LEU E 130 10.43 34.26 48.29
N ARG E 131 9.68 34.74 47.31
CA ARG E 131 8.77 35.87 47.51
C ARG E 131 7.31 35.61 47.11
N SER E 132 7.05 34.51 46.41
CA SER E 132 5.71 34.19 45.95
C SER E 132 5.42 32.69 46.06
N TRP E 133 4.16 32.32 45.89
CA TRP E 133 3.70 30.96 46.08
C TRP E 133 3.15 30.38 44.80
N THR E 134 3.03 29.07 44.77
CA THR E 134 2.37 28.34 43.69
C THR E 134 1.34 27.44 44.34
N ALA E 135 0.08 27.76 44.11
CA ALA E 135 -1.00 26.87 44.48
C ALA E 135 -1.11 25.79 43.42
N ALA E 136 -0.99 24.54 43.82
CA ALA E 136 -1.08 23.40 42.91
C ALA E 136 -2.53 23.13 42.56
N ASP E 137 -3.39 23.39 43.55
CA ASP E 137 -4.82 23.18 43.46
C ASP E 137 -5.54 24.51 43.39
N MET E 138 -6.82 24.41 43.07
CA MET E 138 -7.75 25.51 43.17
C MET E 138 -8.01 25.79 44.68
N ALA E 139 -8.18 24.74 45.47
CA ALA E 139 -8.41 24.85 46.91
C ALA E 139 -7.25 25.49 47.67
N ALA E 140 -6.02 25.20 47.26
CA ALA E 140 -4.85 25.82 47.85
C ALA E 140 -4.77 27.34 47.63
N GLN E 141 -5.50 27.86 46.65
CA GLN E 141 -5.60 29.32 46.44
C GLN E 141 -6.03 30.08 47.70
N THR E 142 -6.91 29.50 48.52
CA THR E 142 -7.28 30.10 49.81
C THR E 142 -6.07 30.26 50.76
N THR E 143 -5.20 29.24 50.81
CA THR E 143 -3.96 29.29 51.59
C THR E 143 -2.98 30.30 50.95
N LYS E 144 -2.84 30.23 49.63
CA LYS E 144 -2.00 31.20 48.91
C LYS E 144 -2.39 32.63 49.30
N HIS E 145 -3.68 32.92 49.20
CA HIS E 145 -4.23 34.24 49.53
C HIS E 145 -4.05 34.60 51.01
N LYS E 146 -4.34 33.66 51.93
CA LYS E 146 -4.10 33.85 53.36
C LYS E 146 -2.64 34.19 53.65
N TRP E 147 -1.74 33.43 53.04
CA TRP E 147 -0.29 33.61 53.24
C TRP E 147 0.27 34.87 52.57
N GLU E 148 -0.25 35.22 51.40
CA GLU E 148 0.10 36.48 50.76
C GLU E 148 -0.26 37.68 51.64
N ALA E 149 -1.47 37.66 52.18
CA ALA E 149 -1.98 38.78 52.97
C ALA E 149 -1.27 38.92 54.35
N ALA E 150 -0.83 37.81 54.93
CA ALA E 150 -0.09 37.81 56.21
C ALA E 150 1.43 37.93 56.07
N HIS E 151 1.93 38.14 54.84
CA HIS E 151 3.37 38.28 54.58
C HIS E 151 4.19 37.06 55.07
N VAL E 152 3.70 35.84 54.80
CA VAL E 152 4.37 34.61 55.28
C VAL E 152 5.74 34.42 54.62
N ALA E 153 5.85 34.72 53.32
CA ALA E 153 7.15 34.84 52.67
C ALA E 153 7.83 36.07 53.26
N GLU E 154 9.10 36.28 52.98
CA GLU E 154 9.87 37.32 53.68
C GLU E 154 10.28 36.80 55.07
N GLN E 155 9.31 36.55 55.95
CA GLN E 155 9.59 35.86 57.23
C GLN E 155 10.22 34.47 56.99
N LEU E 156 9.65 33.73 56.05
CA LEU E 156 10.16 32.41 55.67
C LEU E 156 11.53 32.51 54.98
N ARG E 157 11.69 33.47 54.06
CA ARG E 157 12.95 33.61 53.31
C ARG E 157 14.10 34.11 54.18
N ALA E 158 13.79 34.90 55.20
CA ALA E 158 14.78 35.36 56.18
C ALA E 158 15.40 34.16 56.87
N TYR E 159 14.55 33.25 57.35
CA TYR E 159 15.00 31.94 57.88
C TYR E 159 15.82 31.15 56.85
N LEU E 160 15.32 31.04 55.63
CA LEU E 160 15.96 30.19 54.62
C LEU E 160 17.30 30.75 54.15
N GLU E 161 17.37 32.07 54.00
CA GLU E 161 18.59 32.75 53.54
C GLU E 161 19.56 33.09 54.66
N GLY E 162 19.07 33.17 55.89
CA GLY E 162 19.89 33.51 57.06
C GLY E 162 20.05 32.36 58.02
N THR E 163 19.09 32.23 58.94
CA THR E 163 19.12 31.24 60.02
C THR E 163 19.43 29.79 59.57
N CYS E 164 18.78 29.33 58.50
CA CYS E 164 18.95 27.96 57.99
C CYS E 164 20.41 27.70 57.58
N VAL E 165 20.92 28.58 56.72
CA VAL E 165 22.28 28.49 56.19
C VAL E 165 23.36 28.62 57.29
N GLU E 166 23.13 29.50 58.26
CA GLU E 166 24.10 29.73 59.32
C GLU E 166 24.25 28.48 60.16
N TRP E 167 23.13 27.91 60.58
CA TRP E 167 23.14 26.69 61.38
C TRP E 167 23.56 25.45 60.58
N LEU E 168 23.30 25.44 59.27
CA LEU E 168 23.85 24.39 58.43
C LEU E 168 25.39 24.43 58.52
N ARG E 169 25.97 25.60 58.30
CA ARG E 169 27.42 25.79 58.35
C ARG E 169 28.00 25.36 59.69
N ARG E 170 27.29 25.67 60.77
CA ARG E 170 27.67 25.25 62.12
C ARG E 170 27.62 23.73 62.24
N TYR E 171 26.54 23.11 61.75
CA TYR E 171 26.39 21.65 61.83
C TYR E 171 27.44 20.91 61.03
N LEU E 172 27.74 21.41 59.83
CA LEU E 172 28.82 20.88 58.99
C LEU E 172 30.19 20.90 59.68
N GLU E 173 30.44 21.92 60.50
CA GLU E 173 31.71 22.07 61.19
C GLU E 173 31.80 21.12 62.38
N ASN E 174 30.79 21.15 63.25
CA ASN E 174 30.72 20.25 64.42
C ASN E 174 30.89 18.80 63.98
N GLY E 175 30.14 18.39 62.96
CA GLY E 175 30.21 17.05 62.40
C GLY E 175 31.14 16.91 61.20
N LYS E 176 32.24 17.67 61.18
CA LYS E 176 33.21 17.66 60.07
C LYS E 176 33.71 16.25 59.70
N GLU E 177 34.09 15.47 60.71
CA GLU E 177 34.61 14.12 60.46
C GLU E 177 33.65 13.25 59.64
N THR E 178 32.36 13.38 59.90
CA THR E 178 31.34 12.56 59.24
C THR E 178 30.86 13.20 57.93
N LEU E 179 30.33 14.41 58.05
CA LEU E 179 29.56 15.04 56.97
C LEU E 179 30.39 15.43 55.75
N GLN E 180 31.67 15.72 55.96
CA GLN E 180 32.58 16.12 54.89
C GLN E 180 33.51 14.98 54.44
N ARG E 181 33.38 13.81 55.06
CA ARG E 181 34.00 12.59 54.55
C ARG E 181 33.11 12.03 53.44
N THR E 182 33.72 11.71 52.30
CA THR E 182 33.06 10.95 51.23
C THR E 182 33.66 9.54 51.13
N ASP E 183 32.80 8.51 51.05
CA ASP E 183 33.23 7.13 50.89
C ASP E 183 32.95 6.67 49.47
N ALA E 184 34.01 6.29 48.77
CA ALA E 184 33.88 5.77 47.41
C ALA E 184 33.29 4.37 47.46
N PRO E 185 32.57 3.98 46.40
CA PRO E 185 32.02 2.64 46.35
C PRO E 185 33.05 1.52 46.28
N LYS E 186 32.95 0.55 47.20
CA LYS E 186 33.59 -0.75 47.03
C LYS E 186 32.79 -1.48 45.96
N THR E 187 33.40 -1.74 44.81
CA THR E 187 32.69 -2.29 43.67
C THR E 187 33.19 -3.66 43.30
N HIS E 188 32.28 -4.49 42.82
CA HIS E 188 32.63 -5.81 42.29
C HIS E 188 31.52 -6.29 41.37
N MET E 189 31.80 -7.38 40.66
CA MET E 189 30.85 -7.97 39.75
C MET E 189 30.57 -9.41 40.16
N THR E 190 29.31 -9.84 40.04
CA THR E 190 28.94 -11.24 40.22
C THR E 190 28.26 -11.80 38.98
N HIS E 191 28.28 -13.13 38.86
CA HIS E 191 27.76 -13.84 37.70
C HIS E 191 26.75 -14.85 38.19
N HIS E 192 25.67 -15.03 37.44
CA HIS E 192 24.56 -15.89 37.84
C HIS E 192 24.00 -16.62 36.63
N ALA E 193 24.17 -17.94 36.62
CA ALA E 193 23.69 -18.77 35.52
C ALA E 193 22.16 -18.71 35.47
N VAL E 194 21.63 -18.68 34.27
CA VAL E 194 20.19 -18.77 34.04
C VAL E 194 19.86 -20.03 33.24
N SER E 195 20.48 -20.16 32.07
CA SER E 195 20.20 -21.26 31.16
C SER E 195 21.36 -21.48 30.17
N ASP E 196 21.16 -22.39 29.22
CA ASP E 196 22.09 -22.59 28.11
C ASP E 196 22.19 -21.38 27.16
N HIS E 197 21.19 -20.49 27.19
CA HIS E 197 21.16 -19.35 26.28
C HIS E 197 21.05 -17.99 26.99
N GLU E 198 21.26 -17.96 28.30
CA GLU E 198 21.22 -16.71 29.08
C GLU E 198 22.03 -16.82 30.37
N ALA E 199 22.66 -15.69 30.74
CA ALA E 199 23.33 -15.53 32.03
C ALA E 199 23.18 -14.09 32.51
N THR E 200 23.24 -13.90 33.83
CA THR E 200 23.09 -12.58 34.43
C THR E 200 24.41 -12.12 35.05
N LEU E 201 24.84 -10.92 34.65
CA LEU E 201 25.94 -10.24 35.29
C LEU E 201 25.36 -9.16 36.20
N ARG E 202 25.84 -9.09 37.45
CA ARG E 202 25.39 -8.05 38.38
C ARG E 202 26.59 -7.23 38.84
N CYS E 203 26.46 -5.92 38.64
CA CYS E 203 27.48 -4.96 39.05
C CYS E 203 27.07 -4.32 40.38
N TRP E 204 27.94 -4.40 41.37
CA TRP E 204 27.67 -3.94 42.74
C TRP E 204 28.48 -2.70 43.11
N ALA E 205 27.85 -1.82 43.87
CA ALA E 205 28.55 -0.74 44.56
C ALA E 205 28.04 -0.76 45.98
N LEU E 206 28.97 -0.78 46.93
CA LEU E 206 28.65 -0.93 48.34
C LEU E 206 29.37 0.15 49.14
N SER E 207 28.88 0.40 50.35
CA SER E 207 29.59 1.22 51.32
C SER E 207 29.96 2.63 50.89
N PHE E 208 29.13 3.25 50.06
CA PHE E 208 29.41 4.61 49.60
C PHE E 208 28.58 5.66 50.32
N TYR E 209 29.12 6.87 50.33
CA TYR E 209 28.47 8.06 50.85
C TYR E 209 29.04 9.22 50.07
N PRO E 210 28.24 10.20 49.63
CA PRO E 210 26.78 10.25 49.76
C PRO E 210 26.06 9.29 48.81
N ALA E 211 24.74 9.29 48.87
CA ALA E 211 23.93 8.30 48.16
C ALA E 211 23.96 8.42 46.63
N GLU E 212 24.23 9.60 46.10
CA GLU E 212 24.25 9.85 44.64
C GLU E 212 25.31 9.00 43.97
N ILE E 213 24.92 8.27 42.91
CA ILE E 213 25.80 7.36 42.21
C ILE E 213 25.18 7.00 40.84
N THR E 214 25.98 6.58 39.88
CA THR E 214 25.48 6.14 38.59
C THR E 214 26.15 4.83 38.20
N LEU E 215 25.32 3.83 37.87
CA LEU E 215 25.76 2.53 37.38
C LEU E 215 25.15 2.34 35.99
N THR E 216 26.01 2.14 34.99
CA THR E 216 25.57 1.89 33.62
C THR E 216 26.27 0.65 33.08
N TRP E 217 25.62 0.02 32.10
CA TRP E 217 26.15 -1.16 31.43
C TRP E 217 26.41 -0.81 29.97
N GLN E 218 27.41 -1.44 29.38
CA GLN E 218 27.77 -1.15 28.00
C GLN E 218 28.26 -2.38 27.23
N ARG E 219 27.58 -2.70 26.13
CA ARG E 219 27.98 -3.80 25.28
C ARG E 219 28.87 -3.27 24.15
N ASP E 220 30.09 -3.78 24.09
CA ASP E 220 31.08 -3.27 23.09
C ASP E 220 31.18 -1.75 23.12
N GLY E 221 31.31 -1.20 24.32
CA GLY E 221 31.30 0.25 24.51
C GLY E 221 30.08 1.02 24.02
N GLU E 222 28.97 0.31 23.79
CA GLU E 222 27.71 0.91 23.43
C GLU E 222 26.77 0.78 24.62
N ASP E 223 26.12 1.87 25.00
CA ASP E 223 25.31 1.87 26.23
C ASP E 223 24.08 0.96 26.12
N GLN E 224 23.76 0.27 27.23
CA GLN E 224 22.75 -0.79 27.27
C GLN E 224 21.56 -0.51 28.19
N THR E 225 21.26 0.77 28.42
CA THR E 225 20.17 1.16 29.34
C THR E 225 18.85 0.41 29.08
N GLN E 226 18.65 -0.03 27.85
CA GLN E 226 17.45 -0.78 27.49
C GLN E 226 17.20 -2.05 28.31
N ASP E 227 18.18 -2.96 28.33
CA ASP E 227 17.97 -4.30 28.92
C ASP E 227 18.54 -4.51 30.35
N THR E 228 18.59 -3.44 31.13
CA THR E 228 19.19 -3.46 32.47
C THR E 228 18.13 -3.49 33.54
N GLU E 229 18.45 -4.10 34.68
CA GLU E 229 17.66 -3.95 35.90
C GLU E 229 18.47 -3.18 36.92
N LEU E 230 17.93 -2.05 37.35
CA LEU E 230 18.50 -1.24 38.42
C LEU E 230 17.59 -1.37 39.61
N VAL E 231 18.19 -1.42 40.81
CA VAL E 231 17.42 -1.21 42.02
C VAL E 231 17.72 0.18 42.50
N GLU E 232 16.79 0.74 43.27
CA GLU E 232 17.03 2.06 43.80
C GLU E 232 18.06 1.97 44.89
N THR E 233 18.84 3.04 45.02
CA THR E 233 19.83 3.13 46.05
C THR E 233 19.18 2.89 47.39
N ARG E 234 19.85 2.13 48.25
CA ARG E 234 19.26 1.70 49.51
C ARG E 234 20.22 1.95 50.64
N PRO E 235 19.70 2.27 51.84
CA PRO E 235 20.61 2.45 52.98
C PRO E 235 21.15 1.11 53.53
N ALA E 236 22.44 1.06 53.81
CA ALA E 236 23.06 -0.11 54.43
C ALA E 236 22.77 -0.21 55.94
N GLY E 237 22.44 0.91 56.57
CA GLY E 237 22.05 0.95 57.98
C GLY E 237 23.16 1.44 58.89
N ASP E 238 24.32 1.76 58.32
CA ASP E 238 25.48 2.26 59.05
C ASP E 238 25.87 3.68 58.61
N GLY E 239 25.03 4.31 57.80
CA GLY E 239 25.34 5.60 57.18
C GLY E 239 25.77 5.50 55.72
N THR E 240 26.01 4.31 55.20
CA THR E 240 26.44 4.14 53.81
C THR E 240 25.31 3.60 52.94
N PHE E 241 25.52 3.57 51.62
CA PHE E 241 24.48 3.17 50.68
C PHE E 241 24.96 2.07 49.76
N GLN E 242 24.00 1.34 49.19
CA GLN E 242 24.26 0.24 48.25
C GLN E 242 23.44 0.44 47.00
N LYS E 243 23.87 -0.21 45.92
CA LYS E 243 23.10 -0.20 44.66
C LYS E 243 23.71 -1.24 43.74
N TRP E 244 22.88 -1.86 42.90
CA TRP E 244 23.38 -2.69 41.83
C TRP E 244 22.65 -2.49 40.49
N ALA E 245 23.34 -2.88 39.43
CA ALA E 245 22.81 -2.88 38.07
C ALA E 245 23.10 -4.24 37.48
N ALA E 246 22.10 -4.87 36.86
CA ALA E 246 22.26 -6.17 36.23
C ALA E 246 21.86 -6.13 34.74
N VAL E 247 22.44 -7.04 33.96
CA VAL E 247 22.10 -7.23 32.55
C VAL E 247 22.01 -8.71 32.28
N VAL E 248 21.00 -9.10 31.51
CA VAL E 248 20.86 -10.46 31.04
C VAL E 248 21.62 -10.53 29.71
N VAL E 249 22.47 -11.56 29.61
CA VAL E 249 23.48 -11.66 28.56
C VAL E 249 23.40 -13.06 27.94
N PRO E 250 23.52 -13.17 26.60
CA PRO E 250 23.71 -14.52 26.02
C PRO E 250 24.99 -15.17 26.54
N SER E 251 24.89 -16.37 27.13
CA SER E 251 26.06 -17.03 27.72
C SER E 251 27.17 -17.25 26.70
N GLY E 252 28.41 -17.26 27.20
CA GLY E 252 29.61 -17.28 26.36
C GLY E 252 30.08 -15.92 25.89
N GLN E 253 29.21 -14.91 26.01
CA GLN E 253 29.42 -13.58 25.44
C GLN E 253 29.58 -12.54 26.58
N GLU E 254 29.89 -13.04 27.78
CA GLU E 254 30.03 -12.20 28.99
C GLU E 254 31.09 -11.11 28.85
N GLN E 255 32.22 -11.45 28.25
CA GLN E 255 33.36 -10.53 28.16
C GLN E 255 33.01 -9.18 27.56
N ARG E 256 32.15 -9.18 26.54
CA ARG E 256 31.80 -7.95 25.80
C ARG E 256 31.03 -6.87 26.60
N TYR E 257 30.69 -7.17 27.85
CA TYR E 257 29.95 -6.26 28.70
C TYR E 257 30.84 -5.58 29.74
N THR E 258 30.57 -4.32 30.02
CA THR E 258 31.30 -3.55 31.01
C THR E 258 30.33 -2.70 31.84
N CYS E 259 30.60 -2.62 33.13
CA CYS E 259 29.81 -1.80 34.05
C CYS E 259 30.60 -0.52 34.34
N HIS E 260 29.90 0.62 34.38
CA HIS E 260 30.55 1.91 34.56
C HIS E 260 30.01 2.60 35.81
N VAL E 261 30.92 3.04 36.68
CA VAL E 261 30.57 3.54 38.03
C VAL E 261 31.03 4.98 38.19
N GLN E 262 30.13 5.86 38.60
CA GLN E 262 30.43 7.28 38.75
C GLN E 262 29.98 7.72 40.12
N HIS E 263 30.93 8.17 40.93
CA HIS E 263 30.64 8.64 42.29
C HIS E 263 31.66 9.72 42.62
N GLU E 264 31.29 10.71 43.43
CA GLU E 264 32.19 11.86 43.71
C GLU E 264 33.50 11.52 44.47
N GLY E 265 33.53 10.40 45.18
CA GLY E 265 34.77 9.82 45.76
C GLY E 265 35.71 9.13 44.78
N LEU E 266 35.28 8.97 43.53
CA LEU E 266 36.09 8.40 42.45
C LEU E 266 36.81 9.50 41.67
N PRO E 267 38.16 9.53 41.72
CA PRO E 267 38.89 10.47 40.85
C PRO E 267 38.44 10.36 39.39
N LYS E 268 38.41 9.14 38.85
CA LYS E 268 37.88 8.92 37.51
C LYS E 268 36.96 7.71 37.47
N PRO E 269 35.87 7.78 36.70
CA PRO E 269 34.94 6.66 36.65
C PRO E 269 35.63 5.30 36.50
N LEU E 270 35.11 4.29 37.19
CA LEU E 270 35.64 2.92 37.11
C LEU E 270 35.00 2.14 35.97
N THR E 271 35.75 1.19 35.43
CA THR E 271 35.22 0.17 34.52
C THR E 271 35.45 -1.19 35.15
N LEU E 272 34.43 -2.05 35.10
CA LEU E 272 34.54 -3.46 35.50
C LEU E 272 34.10 -4.36 34.35
N ARG E 273 34.76 -5.51 34.23
CA ARG E 273 34.40 -6.54 33.27
C ARG E 273 34.53 -7.91 33.93
N TRP E 274 33.79 -8.89 33.42
CA TRP E 274 33.80 -10.26 34.02
C TRP E 274 35.11 -10.98 33.77
N ILE F 1 -5.33 8.65 45.24
CA ILE F 1 -4.19 7.97 44.66
C ILE F 1 -3.33 7.32 45.75
N GLN F 2 -3.03 6.04 45.56
CA GLN F 2 -2.22 5.30 46.53
C GLN F 2 -1.07 4.64 45.81
N ARG F 3 0.06 4.46 46.49
CA ARG F 3 1.21 3.76 45.89
C ARG F 3 1.60 2.57 46.73
N THR F 4 1.84 1.46 46.05
CA THR F 4 2.24 0.22 46.69
C THR F 4 3.77 0.27 46.89
N PRO F 5 4.25 -0.25 48.04
CA PRO F 5 5.68 -0.19 48.31
C PRO F 5 6.55 -1.10 47.44
N LYS F 6 7.67 -0.53 46.99
CA LYS F 6 8.79 -1.32 46.50
C LYS F 6 9.44 -1.90 47.75
N ILE F 7 10.08 -3.05 47.61
CA ILE F 7 10.62 -3.79 48.77
C ILE F 7 11.92 -4.47 48.39
N GLN F 8 13.00 -4.17 49.12
CA GLN F 8 14.25 -4.91 48.98
C GLN F 8 14.62 -5.51 50.33
N VAL F 9 14.99 -6.79 50.32
CA VAL F 9 15.51 -7.48 51.49
C VAL F 9 16.96 -7.81 51.18
N TYR F 10 17.87 -7.36 52.03
CA TYR F 10 19.32 -7.42 51.74
C TYR F 10 20.10 -7.29 53.01
N SER F 11 21.40 -7.53 52.98
CA SER F 11 22.23 -7.51 54.18
C SER F 11 23.11 -6.29 54.18
N ARG F 12 23.45 -5.80 55.38
CA ARG F 12 24.37 -4.66 55.53
C ARG F 12 25.72 -4.96 54.91
N HIS F 13 26.33 -6.04 55.36
CA HIS F 13 27.65 -6.46 54.87
C HIS F 13 27.52 -7.67 53.94
N PRO F 14 28.55 -7.94 53.11
CA PRO F 14 28.51 -9.12 52.21
C PRO F 14 28.15 -10.44 52.94
N ALA F 15 27.27 -11.22 52.34
CA ALA F 15 26.70 -12.40 52.98
C ALA F 15 27.80 -13.44 53.22
N GLU F 16 27.94 -13.90 54.46
CA GLU F 16 28.98 -14.87 54.85
C GLU F 16 28.42 -15.82 55.90
N ASN F 17 28.35 -17.12 55.58
CA ASN F 17 27.60 -18.11 56.39
C ASN F 17 27.91 -18.23 57.90
N GLY F 18 29.15 -18.04 58.30
CA GLY F 18 29.45 -18.09 59.73
C GLY F 18 29.15 -16.83 60.54
N LYS F 19 29.00 -15.69 59.85
CA LYS F 19 29.26 -14.38 60.45
C LYS F 19 27.99 -13.57 60.67
N SER F 20 27.95 -12.87 61.81
CA SER F 20 26.82 -12.02 62.16
C SER F 20 26.82 -10.76 61.29
N ASN F 21 25.60 -10.33 60.97
CA ASN F 21 25.39 -9.35 59.93
C ASN F 21 24.13 -8.59 60.32
N PHE F 22 23.65 -7.71 59.45
CA PHE F 22 22.35 -7.07 59.65
C PHE F 22 21.44 -7.32 58.45
N LEU F 23 20.24 -7.82 58.73
CA LEU F 23 19.22 -8.08 57.71
C LEU F 23 18.38 -6.82 57.57
N ASN F 24 18.40 -6.23 56.38
CA ASN F 24 17.66 -5.02 56.09
C ASN F 24 16.44 -5.33 55.26
N CYS F 25 15.34 -4.67 55.61
CA CYS F 25 14.18 -4.57 54.73
C CYS F 25 13.87 -3.11 54.53
N TYR F 26 14.05 -2.64 53.30
CA TYR F 26 13.85 -1.26 52.94
C TYR F 26 12.58 -1.17 52.14
N VAL F 27 11.66 -0.33 52.60
CA VAL F 27 10.38 -0.16 51.99
C VAL F 27 10.29 1.29 51.53
N SER F 28 9.87 1.49 50.30
CA SER F 28 9.90 2.82 49.70
C SER F 28 8.86 3.03 48.59
N GLY F 29 8.65 4.30 48.27
CA GLY F 29 7.77 4.69 47.17
C GLY F 29 6.31 4.48 47.45
N PHE F 30 5.95 4.40 48.73
CA PHE F 30 4.59 4.04 49.13
C PHE F 30 3.82 5.24 49.68
N HIS F 31 2.50 5.15 49.55
CA HIS F 31 1.58 6.16 50.07
C HIS F 31 0.23 5.46 50.18
N PRO F 32 -0.48 5.56 51.31
CA PRO F 32 -0.12 6.39 52.49
C PRO F 32 0.94 5.77 53.43
N SER F 33 1.26 6.44 54.53
CA SER F 33 2.43 6.10 55.38
C SER F 33 2.27 4.90 56.31
N ASP F 34 1.04 4.55 56.68
CA ASP F 34 0.82 3.42 57.60
C ASP F 34 1.31 2.13 56.95
N ILE F 35 2.16 1.40 57.66
CA ILE F 35 2.76 0.19 57.11
C ILE F 35 3.19 -0.75 58.23
N GLU F 36 3.06 -2.04 57.96
CA GLU F 36 3.52 -3.07 58.89
C GLU F 36 4.68 -3.76 58.23
N VAL F 37 5.82 -3.76 58.88
CA VAL F 37 6.97 -4.51 58.40
C VAL F 37 7.48 -5.43 59.50
N ASP F 38 7.47 -6.72 59.21
CA ASP F 38 8.08 -7.71 60.08
C ASP F 38 9.23 -8.40 59.36
N LEU F 39 10.25 -8.75 60.13
CA LEU F 39 11.34 -9.58 59.64
C LEU F 39 11.10 -10.97 60.16
N LEU F 40 11.28 -11.94 59.29
CA LEU F 40 10.92 -13.33 59.55
C LEU F 40 12.13 -14.26 59.47
N LYS F 41 12.15 -15.23 60.37
CA LYS F 41 13.13 -16.32 60.38
C LYS F 41 12.34 -17.61 60.49
N ASN F 42 12.37 -18.43 59.45
CA ASN F 42 11.53 -19.64 59.35
C ASN F 42 10.04 -19.35 59.61
N GLY F 43 9.54 -18.27 59.00
CA GLY F 43 8.14 -17.88 59.11
C GLY F 43 7.72 -17.26 60.43
N GLU F 44 8.64 -17.16 61.39
CA GLU F 44 8.32 -16.63 62.73
C GLU F 44 8.80 -15.18 62.79
N ARG F 45 7.97 -14.35 63.39
CA ARG F 45 8.29 -12.94 63.57
C ARG F 45 9.48 -12.76 64.52
N ILE F 46 10.54 -12.11 64.04
CA ILE F 46 11.66 -11.76 64.89
C ILE F 46 11.23 -10.58 65.75
N GLU F 47 11.42 -10.70 67.07
CA GLU F 47 11.14 -9.60 68.01
C GLU F 47 12.27 -8.58 67.92
N LYS F 48 12.13 -7.45 68.60
CA LYS F 48 13.23 -6.48 68.78
C LYS F 48 13.53 -5.58 67.57
N VAL F 49 13.35 -6.09 66.36
CA VAL F 49 13.52 -5.36 65.08
C VAL F 49 13.39 -3.84 65.21
N GLU F 50 14.43 -3.12 64.82
CA GLU F 50 14.40 -1.65 64.83
C GLU F 50 14.06 -1.08 63.46
N HIS F 51 13.68 0.20 63.43
CA HIS F 51 13.39 0.89 62.18
C HIS F 51 13.74 2.35 62.21
N SER F 52 14.02 2.89 61.01
CA SER F 52 14.29 4.31 60.83
C SER F 52 13.04 5.16 61.06
N ASP F 53 13.27 6.46 61.19
CA ASP F 53 12.18 7.44 61.28
C ASP F 53 11.58 7.72 59.91
N LEU F 54 10.26 7.76 59.87
CA LEU F 54 9.50 7.96 58.64
C LEU F 54 9.95 9.22 57.94
N SER F 55 10.31 9.08 56.67
CA SER F 55 10.62 10.23 55.83
C SER F 55 10.10 9.96 54.40
N PHE F 56 10.32 10.94 53.51
CA PHE F 56 9.77 10.86 52.16
C PHE F 56 10.63 11.53 51.10
N SER F 57 10.42 11.13 49.86
CA SER F 57 11.15 11.63 48.71
C SER F 57 10.49 12.91 48.16
N LYS F 58 11.09 13.48 47.12
CA LYS F 58 10.56 14.68 46.48
C LYS F 58 9.19 14.46 45.85
N ASP F 59 8.87 13.21 45.48
CA ASP F 59 7.53 12.86 44.98
C ASP F 59 6.50 12.61 46.10
N TRP F 60 6.87 12.90 47.35
CA TRP F 60 6.05 12.70 48.53
C TRP F 60 5.85 11.27 49.00
N SER F 61 6.29 10.28 48.24
CA SER F 61 6.15 8.89 48.67
C SER F 61 7.11 8.59 49.80
N PHE F 62 6.67 7.71 50.70
CA PHE F 62 7.39 7.42 51.92
C PHE F 62 8.45 6.33 51.74
N TYR F 63 9.42 6.32 52.64
CA TYR F 63 10.40 5.23 52.74
C TYR F 63 10.78 4.97 54.19
N LEU F 64 11.10 3.70 54.48
CA LEU F 64 11.47 3.24 55.83
C LEU F 64 12.43 2.07 55.70
N LEU F 65 13.42 2.02 56.59
CA LEU F 65 14.31 0.86 56.72
C LEU F 65 14.05 0.16 58.04
N TYR F 66 13.78 -1.15 57.96
CA TYR F 66 13.70 -2.03 59.11
C TYR F 66 14.94 -2.93 59.14
N TYR F 67 15.43 -3.21 60.34
CA TYR F 67 16.63 -4.00 60.49
C TYR F 67 16.77 -4.72 61.82
N THR F 68 17.50 -5.84 61.76
CA THR F 68 17.88 -6.60 62.93
C THR F 68 19.09 -7.48 62.61
N GLU F 69 19.79 -7.92 63.66
CA GLU F 69 21.00 -8.72 63.51
C GLU F 69 20.58 -10.12 63.09
N PHE F 70 21.29 -10.70 62.14
CA PHE F 70 21.01 -12.07 61.70
C PHE F 70 22.29 -12.75 61.23
N THR F 71 22.25 -14.07 61.18
CA THR F 71 23.38 -14.85 60.73
C THR F 71 22.93 -15.69 59.53
N PRO F 72 23.39 -15.33 58.32
CA PRO F 72 23.09 -16.22 57.18
C PRO F 72 23.52 -17.65 57.49
N THR F 73 22.63 -18.61 57.27
CA THR F 73 22.84 -19.99 57.71
C THR F 73 22.55 -20.98 56.58
N GLU F 74 23.13 -22.18 56.69
CA GLU F 74 22.77 -23.34 55.85
C GLU F 74 21.25 -23.45 55.69
N LYS F 75 20.53 -23.71 56.78
CA LYS F 75 19.11 -24.03 56.70
C LYS F 75 18.12 -22.89 56.98
N ASP F 76 18.52 -21.89 57.74
CA ASP F 76 17.56 -20.85 58.19
C ASP F 76 17.14 -19.96 57.04
N GLU F 77 15.84 -19.75 56.92
CA GLU F 77 15.23 -18.96 55.85
C GLU F 77 14.76 -17.59 56.37
N TYR F 78 15.23 -16.52 55.75
CA TYR F 78 14.94 -15.18 56.22
C TYR F 78 14.13 -14.40 55.20
N ALA F 79 13.16 -13.64 55.69
CA ALA F 79 12.25 -12.90 54.84
C ALA F 79 11.78 -11.59 55.49
N CYS F 80 11.13 -10.78 54.66
CA CYS F 80 10.47 -9.54 55.08
C CYS F 80 8.99 -9.68 54.74
N ARG F 81 8.14 -9.32 55.68
CA ARG F 81 6.70 -9.43 55.48
C ARG F 81 6.14 -8.03 55.62
N VAL F 82 5.57 -7.53 54.51
CA VAL F 82 5.05 -6.18 54.41
C VAL F 82 3.54 -6.22 54.24
N ASN F 83 2.84 -5.40 55.02
CA ASN F 83 1.40 -5.16 54.83
C ASN F 83 1.11 -3.66 54.69
N HIS F 84 0.21 -3.36 53.76
CA HIS F 84 -0.12 -1.99 53.36
C HIS F 84 -1.52 -2.00 52.77
N VAL F 85 -2.24 -0.87 52.79
CA VAL F 85 -3.61 -0.85 52.23
C VAL F 85 -3.72 -1.12 50.71
N THR F 86 -2.61 -1.00 49.98
CA THR F 86 -2.56 -1.34 48.54
C THR F 86 -2.38 -2.82 48.29
N LEU F 87 -2.11 -3.58 49.36
CA LEU F 87 -2.00 -5.03 49.30
C LEU F 87 -3.23 -5.70 49.92
N SER F 88 -3.68 -6.79 49.29
CA SER F 88 -4.82 -7.59 49.81
C SER F 88 -4.48 -8.40 51.06
N GLN F 89 -3.21 -8.70 51.24
CA GLN F 89 -2.70 -9.43 52.41
C GLN F 89 -1.18 -9.24 52.45
N PRO F 90 -0.53 -9.60 53.56
CA PRO F 90 0.89 -9.30 53.60
C PRO F 90 1.67 -9.99 52.48
N LYS F 91 2.59 -9.24 51.86
CA LYS F 91 3.48 -9.80 50.85
C LYS F 91 4.76 -10.22 51.54
N ILE F 92 5.28 -11.39 51.21
CA ILE F 92 6.50 -11.91 51.83
C ILE F 92 7.59 -11.95 50.76
N VAL F 93 8.71 -11.29 51.04
CA VAL F 93 9.87 -11.32 50.15
C VAL F 93 11.03 -12.02 50.86
N LYS F 94 11.55 -13.09 50.26
CA LYS F 94 12.63 -13.84 50.85
C LYS F 94 13.98 -13.15 50.63
N TRP F 95 14.85 -13.21 51.62
CA TRP F 95 16.23 -12.74 51.46
C TRP F 95 17.02 -13.72 50.60
N ASP F 96 17.90 -13.16 49.79
CA ASP F 96 18.64 -13.91 48.78
C ASP F 96 20.05 -13.32 48.76
N ARG F 97 21.09 -14.15 48.90
CA ARG F 97 22.46 -13.65 48.91
C ARG F 97 22.78 -12.73 47.73
N ASP F 98 22.20 -13.03 46.57
CA ASP F 98 22.46 -12.29 45.34
C ASP F 98 21.51 -11.10 45.10
N MET F 99 20.30 -11.17 45.66
CA MET F 99 19.09 -10.36 45.31
C MET F 99 18.27 -10.86 44.10
N ILE G 1 18.57 24.13 62.66
CA ILE G 1 17.38 24.34 63.54
C ILE G 1 16.08 24.55 62.76
N LEU G 2 14.98 24.37 63.47
CA LEU G 2 13.65 24.62 62.94
C LEU G 2 13.35 26.11 62.86
N LYS G 3 12.50 26.49 61.89
CA LYS G 3 12.02 27.88 61.79
C LYS G 3 10.93 28.17 62.82
N GLU G 4 10.63 29.45 62.97
CA GLU G 4 9.43 29.90 63.70
C GLU G 4 9.00 31.28 63.20
N PRO G 5 7.71 31.61 63.32
CA PRO G 5 6.64 30.68 63.64
C PRO G 5 6.26 29.82 62.42
N VAL G 6 5.21 29.02 62.57
CA VAL G 6 4.64 28.25 61.44
C VAL G 6 3.16 28.56 61.35
N HIS G 7 2.70 28.82 60.13
CA HIS G 7 1.37 29.34 59.91
C HIS G 7 0.45 28.22 59.44
N GLY G 8 -0.82 28.30 59.84
CA GLY G 8 -1.82 27.35 59.40
C GLY G 8 -2.17 27.60 57.95
N VAL G 9 -2.67 26.56 57.29
CA VAL G 9 -3.13 26.68 55.90
C VAL G 9 -4.48 27.39 55.82
N PRO H 1 13.82 -31.71 18.22
CA PRO H 1 12.38 -32.00 18.11
C PRO H 1 11.54 -31.29 19.20
N LYS H 2 11.43 -29.96 19.06
CA LYS H 2 10.67 -29.04 19.95
C LYS H 2 9.54 -29.67 20.78
N PRO H 3 9.66 -29.66 22.13
CA PRO H 3 8.56 -30.11 22.99
C PRO H 3 7.51 -29.02 23.26
N THR H 4 6.39 -29.41 23.85
CA THR H 4 5.30 -28.50 24.20
C THR H 4 5.25 -28.29 25.71
N LEU H 5 4.83 -27.10 26.11
CA LEU H 5 4.82 -26.69 27.51
C LEU H 5 3.50 -26.01 27.84
N TRP H 6 2.78 -26.59 28.81
CA TRP H 6 1.49 -26.03 29.24
C TRP H 6 1.32 -26.15 30.76
N ALA H 7 0.30 -25.47 31.28
CA ALA H 7 0.03 -25.45 32.72
C ALA H 7 -1.37 -25.95 33.03
N GLU H 8 -1.53 -26.54 34.22
CA GLU H 8 -2.82 -27.11 34.68
C GLU H 8 -3.17 -26.54 36.06
N PRO H 9 -4.31 -25.84 36.22
CA PRO H 9 -5.39 -25.69 35.22
C PRO H 9 -5.16 -24.66 34.13
N GLY H 10 -4.31 -23.67 34.39
CA GLY H 10 -3.99 -22.63 33.41
C GLY H 10 -2.71 -21.92 33.79
N SER H 11 -2.42 -20.84 33.07
CA SER H 11 -1.21 -20.04 33.30
C SER H 11 -1.47 -18.74 34.09
N VAL H 12 -2.70 -18.55 34.55
CA VAL H 12 -3.11 -17.38 35.32
C VAL H 12 -3.69 -17.91 36.60
N ILE H 13 -2.95 -17.80 37.70
CA ILE H 13 -3.29 -18.50 38.96
C ILE H 13 -3.33 -17.50 40.11
N THR H 14 -4.31 -17.66 41.00
CA THR H 14 -4.42 -16.83 42.20
C THR H 14 -3.38 -17.28 43.21
N GLN H 15 -2.69 -16.33 43.85
CA GLN H 15 -1.68 -16.65 44.88
C GLN H 15 -2.24 -17.70 45.84
N GLY H 16 -1.44 -18.73 46.10
CA GLY H 16 -1.78 -19.78 47.07
C GLY H 16 -2.41 -21.02 46.44
N SER H 17 -2.90 -20.90 45.20
CA SER H 17 -3.48 -22.02 44.50
C SER H 17 -2.39 -22.91 43.88
N PRO H 18 -2.72 -24.19 43.65
CA PRO H 18 -1.82 -25.12 42.97
C PRO H 18 -1.80 -24.92 41.46
N VAL H 19 -0.64 -25.19 40.87
CA VAL H 19 -0.52 -25.27 39.41
C VAL H 19 0.60 -26.24 39.07
N THR H 20 0.45 -26.95 37.95
CA THR H 20 1.44 -27.92 37.49
C THR H 20 1.87 -27.58 36.07
N LEU H 21 3.16 -27.34 35.87
CA LEU H 21 3.71 -27.15 34.54
C LEU H 21 4.03 -28.51 33.96
N ARG H 22 3.75 -28.68 32.66
CA ARG H 22 3.83 -29.98 32.00
C ARG H 22 4.52 -29.89 30.65
N CYS H 23 5.41 -30.85 30.42
CA CYS H 23 6.20 -30.93 29.20
C CYS H 23 6.07 -32.32 28.56
N GLN H 24 5.87 -32.34 27.24
CA GLN H 24 5.81 -33.57 26.46
C GLN H 24 6.58 -33.40 25.15
N GLY H 25 7.36 -34.42 24.79
CA GLY H 25 8.20 -34.40 23.57
C GLY H 25 7.78 -35.44 22.55
N GLN H 30 11.90 -38.59 28.24
CA GLN H 30 12.16 -38.92 29.65
C GLN H 30 13.11 -37.97 30.40
N GLU H 31 14.04 -37.33 29.70
CA GLU H 31 15.00 -36.42 30.33
C GLU H 31 14.54 -34.95 30.18
N TYR H 32 13.39 -34.61 30.77
CA TYR H 32 12.82 -33.26 30.68
C TYR H 32 13.54 -32.23 31.56
N ARG H 33 13.63 -30.99 31.10
CA ARG H 33 14.33 -29.92 31.80
C ARG H 33 13.65 -28.55 31.61
N LEU H 34 12.87 -28.16 32.62
CA LEU H 34 12.18 -26.86 32.66
C LEU H 34 13.13 -25.81 33.21
N TYR H 35 13.00 -24.57 32.72
CA TYR H 35 13.75 -23.42 33.27
C TYR H 35 12.97 -22.10 33.11
N ARG H 36 13.27 -21.12 33.96
CA ARG H 36 12.71 -19.78 33.85
C ARG H 36 13.75 -18.88 33.22
N GLU H 37 13.28 -18.00 32.34
CA GLU H 37 14.15 -17.02 31.68
C GLU H 37 14.47 -15.90 32.64
N LYS H 38 15.50 -15.12 32.33
CA LYS H 38 15.93 -13.96 33.12
C LYS H 38 16.45 -14.22 34.56
N LYS H 39 15.83 -15.14 35.29
CA LYS H 39 16.26 -15.48 36.65
C LYS H 39 15.89 -16.93 36.95
N THR H 40 16.81 -17.70 37.52
CA THR H 40 16.54 -19.12 37.81
C THR H 40 15.40 -19.26 38.81
N ALA H 41 14.68 -20.38 38.71
CA ALA H 41 13.61 -20.71 39.62
C ALA H 41 14.01 -21.99 40.35
N PRO H 42 14.55 -21.85 41.59
CA PRO H 42 15.05 -23.00 42.35
C PRO H 42 14.02 -24.07 42.67
N TRP H 43 12.74 -23.71 42.74
CA TRP H 43 11.67 -24.72 42.98
C TRP H 43 11.71 -25.90 41.96
N ILE H 44 12.11 -25.61 40.72
CA ILE H 44 12.20 -26.63 39.65
C ILE H 44 13.15 -27.76 40.07
N THR H 45 14.32 -27.38 40.59
CA THR H 45 15.41 -28.32 40.90
C THR H 45 15.02 -29.33 41.97
N ARG H 46 14.12 -28.92 42.86
CA ARG H 46 13.65 -29.73 43.97
C ARG H 46 12.55 -30.72 43.60
N ILE H 47 12.01 -30.62 42.39
CA ILE H 47 10.99 -31.58 41.96
C ILE H 47 11.66 -32.95 41.77
N PRO H 48 11.10 -34.01 42.39
CA PRO H 48 11.74 -35.34 42.32
C PRO H 48 11.89 -35.90 40.89
N GLN H 49 12.85 -36.80 40.71
CA GLN H 49 13.09 -37.45 39.43
C GLN H 49 11.83 -38.17 38.95
N GLU H 50 11.20 -38.92 39.86
CA GLU H 50 9.96 -39.66 39.52
C GLU H 50 8.97 -38.81 38.69
N LEU H 51 8.80 -37.55 39.09
CA LEU H 51 7.90 -36.63 38.36
C LEU H 51 8.56 -35.98 37.13
N VAL H 52 9.83 -35.56 37.26
CA VAL H 52 10.60 -35.00 36.13
C VAL H 52 10.72 -35.99 34.94
N LYS H 53 10.78 -37.28 35.26
CA LYS H 53 10.54 -38.31 34.26
C LYS H 53 9.19 -38.12 33.52
N LYS H 54 8.09 -38.00 34.26
CA LYS H 54 6.76 -37.88 33.69
C LYS H 54 6.44 -36.45 33.21
N GLY H 55 7.47 -35.68 32.91
CA GLY H 55 7.30 -34.32 32.41
C GLY H 55 6.40 -33.43 33.26
N GLN H 56 6.46 -33.60 34.58
CA GLN H 56 5.52 -32.98 35.51
C GLN H 56 6.25 -32.19 36.58
N PHE H 57 6.00 -30.88 36.60
CA PHE H 57 6.61 -29.97 37.56
C PHE H 57 5.49 -29.27 38.34
N PRO H 58 5.02 -29.91 39.44
CA PRO H 58 3.90 -29.38 40.19
C PRO H 58 4.31 -28.31 41.19
N ILE H 59 3.44 -27.32 41.38
CA ILE H 59 3.59 -26.32 42.44
C ILE H 59 2.35 -26.49 43.33
N PRO H 60 2.53 -26.85 44.62
CA PRO H 60 1.37 -27.02 45.51
C PRO H 60 0.65 -25.72 45.88
N SER H 61 1.41 -24.66 46.15
CA SER H 61 0.85 -23.36 46.52
C SER H 61 1.70 -22.24 45.91
N ILE H 62 1.18 -21.60 44.87
CA ILE H 62 1.96 -20.62 44.12
C ILE H 62 2.13 -19.29 44.87
N THR H 63 3.30 -18.70 44.69
CA THR H 63 3.64 -17.39 45.24
C THR H 63 4.18 -16.54 44.11
N TRP H 64 4.32 -15.25 44.36
CA TRP H 64 4.83 -14.30 43.36
C TRP H 64 6.22 -14.66 42.81
N GLU H 65 7.02 -15.35 43.64
CA GLU H 65 8.34 -15.83 43.25
C GLU H 65 8.33 -16.87 42.14
N HIS H 66 7.22 -17.59 41.98
CA HIS H 66 7.09 -18.56 40.90
C HIS H 66 6.76 -17.90 39.55
N ALA H 67 6.24 -16.67 39.57
CA ALA H 67 5.80 -16.01 38.36
C ALA H 67 6.95 -15.78 37.41
N GLY H 68 6.68 -15.87 36.10
CA GLY H 68 7.67 -15.61 35.08
C GLY H 68 7.48 -16.38 33.78
N ARG H 69 8.47 -16.23 32.90
CA ARG H 69 8.48 -16.80 31.55
C ARG H 69 9.24 -18.15 31.53
N TYR H 70 8.51 -19.26 31.37
CA TYR H 70 9.11 -20.59 31.39
C TYR H 70 9.23 -21.20 30.00
N ARG H 71 10.34 -21.88 29.76
CA ARG H 71 10.56 -22.70 28.55
C ARG H 71 11.00 -24.10 28.98
N CYS H 72 10.97 -25.04 28.03
CA CYS H 72 11.18 -26.45 28.33
C CYS H 72 11.94 -27.18 27.22
N TYR H 73 12.82 -28.10 27.62
CA TYR H 73 13.58 -28.92 26.68
C TYR H 73 13.85 -30.31 27.24
N TYR H 74 14.52 -31.15 26.46
CA TYR H 74 14.98 -32.45 26.93
C TYR H 74 16.27 -32.92 26.27
N GLY H 75 16.89 -33.90 26.91
CA GLY H 75 18.18 -34.46 26.48
C GLY H 75 19.07 -34.76 27.67
N SER H 76 20.28 -35.25 27.38
CA SER H 76 21.29 -35.52 28.39
C SER H 76 22.63 -34.89 27.97
N ASP H 77 23.64 -34.99 28.84
CA ASP H 77 25.01 -34.56 28.52
C ASP H 77 25.57 -35.31 27.31
N THR H 78 25.32 -36.61 27.25
CA THR H 78 25.82 -37.50 26.18
C THR H 78 25.18 -37.23 24.82
N ALA H 79 23.85 -37.35 24.75
CA ALA H 79 23.09 -37.31 23.48
C ALA H 79 22.72 -35.91 22.96
N GLY H 80 23.13 -34.86 23.66
CA GLY H 80 22.71 -33.49 23.34
C GLY H 80 21.25 -33.24 23.73
N ARG H 81 20.68 -32.15 23.24
CA ARG H 81 19.35 -31.72 23.66
C ARG H 81 18.50 -31.09 22.55
N SER H 82 17.19 -31.14 22.75
CA SER H 82 16.23 -30.45 21.87
C SER H 82 16.28 -28.93 21.97
N GLU H 83 15.67 -28.26 21.02
CA GLU H 83 15.42 -26.82 21.09
C GLU H 83 14.38 -26.52 22.18
N SER H 84 14.38 -25.27 22.67
CA SER H 84 13.45 -24.87 23.73
C SER H 84 12.01 -24.76 23.19
N SER H 85 11.06 -25.17 24.03
CA SER H 85 9.62 -25.07 23.74
C SER H 85 9.18 -23.62 23.65
N ASP H 86 7.95 -23.43 23.19
CA ASP H 86 7.34 -22.09 23.21
C ASP H 86 7.21 -21.58 24.66
N PRO H 87 7.39 -20.26 24.87
CA PRO H 87 7.38 -19.71 26.22
C PRO H 87 6.01 -19.77 26.89
N LEU H 88 6.00 -20.14 28.17
CA LEU H 88 4.79 -20.14 29.00
C LEU H 88 4.92 -19.01 30.04
N GLU H 89 3.98 -18.07 29.96
CA GLU H 89 3.99 -16.91 30.84
C GLU H 89 3.13 -17.24 32.06
N LEU H 90 3.80 -17.64 33.15
CA LEU H 90 3.10 -18.01 34.38
C LEU H 90 2.83 -16.75 35.21
N VAL H 91 1.55 -16.46 35.38
CA VAL H 91 1.11 -15.23 36.01
C VAL H 91 0.53 -15.54 37.37
N VAL H 92 0.90 -14.74 38.35
CA VAL H 92 0.31 -14.82 39.69
C VAL H 92 -0.55 -13.59 39.97
N THR H 93 -1.80 -13.82 40.38
CA THR H 93 -2.76 -12.74 40.67
C THR H 93 -3.06 -12.72 42.16
N GLY H 94 -3.52 -11.56 42.64
CA GLY H 94 -3.98 -11.38 44.01
C GLY H 94 -3.08 -10.56 44.90
N ALA H 95 -1.94 -10.12 44.39
CA ALA H 95 -0.96 -9.39 45.22
C ALA H 95 -1.55 -8.07 45.76
N TYR H 96 -2.14 -7.30 44.85
CA TYR H 96 -2.67 -5.98 45.17
C TYR H 96 -4.18 -5.98 45.27
N ILE H 97 -4.69 -4.91 45.88
CA ILE H 97 -6.13 -4.69 45.95
C ILE H 97 -6.70 -4.47 44.55
N LYS H 98 -7.97 -4.84 44.40
CA LYS H 98 -8.58 -4.91 43.09
C LYS H 98 -8.91 -3.53 42.51
N PRO H 99 -8.89 -3.41 41.16
CA PRO H 99 -9.48 -2.26 40.49
C PRO H 99 -11.00 -2.41 40.37
N THR H 100 -11.66 -1.38 39.83
CA THR H 100 -13.07 -1.43 39.52
C THR H 100 -13.27 -1.31 38.00
N LEU H 101 -14.18 -2.11 37.47
CA LEU H 101 -14.47 -2.15 36.05
C LEU H 101 -15.87 -1.56 35.83
N SER H 102 -15.97 -0.53 34.98
CA SER H 102 -17.24 0.06 34.60
C SER H 102 -17.37 0.10 33.08
N ALA H 103 -18.61 0.21 32.60
CA ALA H 103 -18.91 0.34 31.17
C ALA H 103 -19.41 1.75 30.93
N GLN H 104 -18.94 2.36 29.85
CA GLN H 104 -19.16 3.78 29.60
C GLN H 104 -19.78 3.94 28.23
N PRO H 105 -20.95 4.57 28.12
CA PRO H 105 -21.68 5.20 29.23
C PRO H 105 -22.49 4.22 30.10
N SER H 106 -22.68 2.99 29.61
CA SER H 106 -23.59 2.04 30.25
C SER H 106 -23.23 0.57 29.93
N PRO H 107 -23.50 -0.33 30.88
CA PRO H 107 -23.44 -1.77 30.61
C PRO H 107 -24.59 -2.33 29.77
N VAL H 108 -25.64 -1.53 29.53
CA VAL H 108 -26.79 -1.93 28.75
C VAL H 108 -26.50 -1.54 27.31
N VAL H 109 -26.49 -2.53 26.42
CA VAL H 109 -26.07 -2.34 25.03
C VAL H 109 -27.04 -3.02 24.06
N ASN H 110 -27.26 -2.38 22.92
CA ASN H 110 -28.07 -2.98 21.86
C ASN H 110 -27.25 -4.00 21.06
N SER H 111 -27.94 -4.97 20.47
CA SER H 111 -27.30 -5.96 19.59
C SER H 111 -26.46 -5.27 18.53
N GLY H 112 -25.30 -5.86 18.23
CA GLY H 112 -24.37 -5.31 17.26
C GLY H 112 -23.65 -4.05 17.69
N GLY H 113 -24.00 -3.52 18.86
CA GLY H 113 -23.40 -2.30 19.36
C GLY H 113 -22.03 -2.58 19.96
N ASN H 114 -21.29 -1.50 20.22
CA ASN H 114 -20.02 -1.56 20.87
C ASN H 114 -20.10 -0.76 22.15
N VAL H 115 -19.22 -1.07 23.09
CA VAL H 115 -19.14 -0.35 24.35
C VAL H 115 -17.67 -0.21 24.77
N THR H 116 -17.37 0.88 25.47
CA THR H 116 -16.03 1.09 26.03
C THR H 116 -16.03 0.73 27.52
N LEU H 117 -15.07 -0.10 27.93
CA LEU H 117 -14.92 -0.53 29.31
C LEU H 117 -13.74 0.20 29.91
N GLN H 118 -13.87 0.59 31.16
CA GLN H 118 -12.87 1.36 31.89
C GLN H 118 -12.40 0.59 33.14
N CYS H 119 -11.08 0.38 33.25
CA CYS H 119 -10.48 -0.19 34.46
C CYS H 119 -9.80 0.96 35.19
N ASP H 120 -10.15 1.14 36.47
CA ASP H 120 -9.59 2.18 37.32
C ASP H 120 -8.95 1.52 38.54
N SER H 121 -7.65 1.75 38.73
CA SER H 121 -6.94 1.30 39.92
C SER H 121 -6.71 2.51 40.80
N GLN H 122 -7.07 2.38 42.08
CA GLN H 122 -6.77 3.43 43.05
C GLN H 122 -5.28 3.37 43.45
N VAL H 123 -4.59 2.29 43.06
CA VAL H 123 -3.15 2.18 43.26
C VAL H 123 -2.45 2.58 41.97
N ALA H 124 -1.41 3.40 42.08
CA ALA H 124 -0.66 3.84 40.91
C ALA H 124 -0.04 2.64 40.18
N PHE H 125 -0.53 2.42 38.95
CA PHE H 125 -0.12 1.31 38.12
C PHE H 125 -0.13 1.77 36.67
N ASP H 126 0.75 1.18 35.87
CA ASP H 126 0.85 1.50 34.45
C ASP H 126 0.44 0.35 33.52
N GLY H 127 0.11 -0.82 34.07
CA GLY H 127 -0.29 -1.99 33.28
C GLY H 127 -1.72 -2.43 33.55
N PHE H 128 -2.45 -2.79 32.48
CA PHE H 128 -3.87 -3.14 32.58
C PHE H 128 -4.30 -4.27 31.66
N ILE H 129 -5.07 -5.19 32.22
CA ILE H 129 -5.51 -6.41 31.55
C ILE H 129 -7.03 -6.50 31.59
N LEU H 130 -7.65 -6.86 30.48
CA LEU H 130 -9.07 -7.19 30.45
C LEU H 130 -9.20 -8.65 30.07
N CYS H 131 -9.96 -9.41 30.84
CA CYS H 131 -10.14 -10.83 30.59
C CYS H 131 -11.61 -11.14 30.42
N LYS H 132 -11.95 -11.64 29.23
CA LYS H 132 -13.28 -12.13 28.92
C LYS H 132 -13.48 -13.44 29.67
N GLU H 133 -14.72 -13.72 30.05
CA GLU H 133 -15.03 -14.81 30.97
C GLU H 133 -16.35 -15.44 30.56
N GLY H 134 -16.51 -16.74 30.84
CA GLY H 134 -17.69 -17.51 30.40
C GLY H 134 -17.66 -18.03 28.95
N GLU H 135 -16.83 -17.42 28.09
CA GLU H 135 -16.61 -17.84 26.69
C GLU H 135 -17.89 -17.81 25.85
N PRO H 139 -10.20 -18.20 29.52
CA PRO H 139 -10.39 -16.75 29.56
C PRO H 139 -9.42 -15.97 28.65
N GLN H 140 -9.97 -15.28 27.64
CA GLN H 140 -9.18 -14.52 26.68
C GLN H 140 -8.87 -13.13 27.25
N CYS H 141 -7.58 -12.83 27.42
CA CYS H 141 -7.12 -11.59 28.06
C CYS H 141 -6.41 -10.66 27.07
N LEU H 142 -6.72 -9.36 27.16
CA LEU H 142 -6.14 -8.31 26.29
C LEU H 142 -5.50 -7.23 27.13
N ASN H 143 -4.42 -6.67 26.61
CA ASN H 143 -3.65 -5.64 27.30
C ASN H 143 -4.06 -4.26 26.81
N SER H 144 -3.91 -3.24 27.66
CA SER H 144 -4.14 -1.84 27.28
C SER H 144 -3.31 -0.89 28.15
N GLN H 145 -2.67 0.09 27.53
CA GLN H 145 -1.87 1.06 28.28
C GLN H 145 -2.72 2.28 28.64
N PRO H 146 -2.42 2.91 29.76
CA PRO H 146 -3.22 4.06 30.19
C PRO H 146 -3.06 5.23 29.23
N HIS H 147 -4.16 5.93 28.98
CA HIS H 147 -4.25 6.94 27.91
C HIS H 147 -3.94 8.35 28.40
N ALA H 148 -3.68 8.53 29.69
CA ALA H 148 -3.32 9.83 30.25
C ALA H 148 -2.24 9.68 31.32
N ARG H 149 -1.38 10.70 31.43
CA ARG H 149 -0.28 10.69 32.36
C ARG H 149 -0.79 10.84 33.79
N GLY H 150 -0.28 10.00 34.69
CA GLY H 150 -0.61 10.04 36.09
C GLY H 150 -2.04 9.66 36.45
N SER H 151 -2.78 9.07 35.51
CA SER H 151 -4.22 8.76 35.72
C SER H 151 -4.37 7.46 36.46
N SER H 152 -3.76 6.41 35.90
CA SER H 152 -3.88 5.05 36.44
C SER H 152 -5.21 4.40 36.06
N ARG H 153 -5.57 4.53 34.78
CA ARG H 153 -6.76 3.89 34.22
C ARG H 153 -6.54 3.62 32.77
N ALA H 154 -7.18 2.59 32.25
CA ALA H 154 -7.10 2.23 30.84
C ALA H 154 -8.48 1.92 30.30
N ILE H 155 -8.60 1.99 28.97
CA ILE H 155 -9.87 1.87 28.27
C ILE H 155 -9.78 0.76 27.20
N PHE H 156 -10.84 -0.05 27.12
CA PHE H 156 -10.98 -1.13 26.14
C PHE H 156 -12.29 -0.97 25.36
N SER H 157 -12.27 -1.36 24.08
CA SER H 157 -13.47 -1.42 23.24
C SER H 157 -13.80 -2.89 23.02
N VAL H 158 -15.05 -3.30 23.25
CA VAL H 158 -15.38 -4.75 23.17
C VAL H 158 -16.44 -5.23 22.16
N GLY H 159 -17.19 -4.35 21.52
CA GLY H 159 -18.13 -4.84 20.48
C GLY H 159 -17.55 -5.57 19.25
N PRO H 160 -18.39 -6.04 18.33
CA PRO H 160 -19.85 -5.89 18.39
C PRO H 160 -20.49 -7.01 19.21
N VAL H 161 -21.40 -6.64 20.10
CA VAL H 161 -22.00 -7.62 21.03
C VAL H 161 -23.29 -8.24 20.48
N SER H 162 -23.70 -9.32 21.12
CA SER H 162 -24.81 -10.15 20.69
C SER H 162 -25.48 -10.83 21.91
N PRO H 163 -26.84 -10.92 21.90
CA PRO H 163 -27.54 -11.56 23.01
C PRO H 163 -27.43 -13.09 23.01
N SER H 164 -26.90 -13.66 21.93
CA SER H 164 -26.61 -15.08 21.81
C SER H 164 -25.66 -15.59 22.90
N ARG H 165 -24.51 -14.94 23.06
CA ARG H 165 -23.52 -15.37 24.05
C ARG H 165 -23.38 -14.42 25.23
N ARG H 166 -22.62 -14.83 26.24
CA ARG H 166 -22.41 -14.01 27.44
C ARG H 166 -21.16 -13.16 27.24
N TRP H 167 -21.22 -11.93 27.74
CA TRP H 167 -20.17 -10.93 27.56
C TRP H 167 -19.77 -10.45 28.94
N TRP H 168 -18.91 -11.23 29.58
CA TRP H 168 -18.52 -11.05 30.99
C TRP H 168 -17.02 -10.80 31.13
N TYR H 169 -16.67 -9.80 31.94
CA TYR H 169 -15.31 -9.28 32.03
C TYR H 169 -14.88 -8.99 33.46
N ARG H 170 -13.59 -9.20 33.71
CA ARG H 170 -12.90 -8.65 34.86
C ARG H 170 -11.64 -7.99 34.34
N CYS H 171 -11.07 -7.05 35.11
CA CYS H 171 -9.77 -6.46 34.78
C CYS H 171 -8.78 -6.56 35.92
N TYR H 172 -7.50 -6.50 35.56
CA TYR H 172 -6.39 -6.55 36.51
C TYR H 172 -5.51 -5.32 36.29
N ALA H 173 -4.92 -4.81 37.37
CA ALA H 173 -3.88 -3.80 37.30
C ALA H 173 -2.55 -4.45 37.63
N TYR H 174 -1.47 -3.92 37.06
CA TYR H 174 -0.13 -4.42 37.30
C TYR H 174 0.96 -3.35 37.00
N ASP H 175 2.17 -3.59 37.50
CA ASP H 175 3.36 -2.76 37.24
C ASP H 175 4.13 -3.38 36.07
N SER H 176 4.40 -2.62 35.02
CA SER H 176 5.09 -3.17 33.82
C SER H 176 6.48 -3.77 34.11
N ASN H 177 7.12 -3.31 35.19
CA ASN H 177 8.39 -3.89 35.65
C ASN H 177 8.26 -5.29 36.33
N SER H 178 7.05 -5.67 36.74
CA SER H 178 6.75 -7.07 37.13
C SER H 178 5.48 -7.52 36.40
N PRO H 179 5.59 -7.80 35.08
CA PRO H 179 4.39 -8.03 34.26
C PRO H 179 3.68 -9.35 34.51
N TYR H 180 4.19 -10.18 35.42
CA TYR H 180 3.58 -11.45 35.77
C TYR H 180 2.96 -11.48 37.18
N GLU H 181 3.03 -10.37 37.93
CA GLU H 181 2.36 -10.22 39.22
C GLU H 181 1.21 -9.25 39.05
N TRP H 182 -0.01 -9.74 38.97
CA TRP H 182 -1.19 -8.87 38.81
C TRP H 182 -1.96 -8.66 40.13
N SER H 183 -2.81 -7.66 40.13
CA SER H 183 -3.71 -7.40 41.25
C SER H 183 -4.73 -8.51 41.47
N LEU H 184 -5.51 -8.37 42.53
CA LEU H 184 -6.80 -9.04 42.58
C LEU H 184 -7.58 -8.55 41.37
N PRO H 185 -8.38 -9.42 40.75
CA PRO H 185 -9.24 -8.98 39.66
C PRO H 185 -10.38 -8.09 40.16
N SER H 186 -10.90 -7.24 39.27
CA SER H 186 -12.13 -6.52 39.57
C SER H 186 -13.29 -7.51 39.74
N ASP H 187 -14.41 -6.99 40.24
CA ASP H 187 -15.66 -7.74 40.24
C ASP H 187 -16.05 -8.00 38.80
N LEU H 188 -16.87 -9.02 38.62
CA LEU H 188 -17.39 -9.39 37.31
C LEU H 188 -18.25 -8.25 36.79
N LEU H 189 -18.02 -7.82 35.55
CA LEU H 189 -18.92 -6.91 34.87
C LEU H 189 -19.65 -7.65 33.78
N GLU H 190 -20.98 -7.64 33.80
CA GLU H 190 -21.79 -8.30 32.77
C GLU H 190 -22.41 -7.25 31.88
N LEU H 191 -22.30 -7.43 30.57
CA LEU H 191 -23.06 -6.63 29.63
C LEU H 191 -24.48 -7.23 29.51
N LEU H 192 -25.48 -6.36 29.56
CA LEU H 192 -26.85 -6.69 29.23
C LEU H 192 -27.05 -6.32 27.76
N VAL H 193 -27.23 -7.31 26.90
CA VAL H 193 -27.41 -7.06 25.46
C VAL H 193 -28.90 -7.13 25.09
N LEU H 194 -29.44 -5.99 24.64
CA LEU H 194 -30.87 -5.85 24.32
C LEU H 194 -31.26 -6.28 22.92
N GLY H 195 -32.58 -6.37 22.70
CA GLY H 195 -33.15 -6.67 21.39
C GLY H 195 -32.86 -8.11 21.01
#